data_1EVT
#
_entry.id   1EVT
#
_cell.length_a   62.553
_cell.length_b   64.061
_cell.length_c   64.139
_cell.angle_alpha   93.40
_cell.angle_beta   111.17
_cell.angle_gamma   97.18
#
_symmetry.space_group_name_H-M   'P 1'
#
loop_
_entity.id
_entity.type
_entity.pdbx_description
1 polymer 'PROTEIN (FIBROBLAST GROWTH FACTOR 1)'
2 polymer 'PROTEIN (FIBROBLAST GROWTH FACTOR RECEPTOR 1)'
3 non-polymer 'SULFATE ION'
#
loop_
_entity_poly.entity_id
_entity_poly.type
_entity_poly.pdbx_seq_one_letter_code
_entity_poly.pdbx_strand_id
1 'polypeptide(L)'
;NYKKPKLLYCSNGGHFLRILPDGTVDGTRDRSDQHIQLQLSAESVGEVYIKSTETGQYLAMDTDGLLYGSQTPNEECLFL
ERLEENHYNTYISKKHAEKNWFVGLKKNGSCKRGPRTHYGQKAILFLPLPVSSD
;
A,B
2 'polypeptide(L)'
;TDNTKPNRMPVAPYWTSPEKMEKKLHAVPAAKTVKFKCPSSGTPNPTLRWLKNGKEFKPDHRIGGYKVRYATWSIIMDSV
VPSDKGNYTCIVENEYGSINHTYQLDVVERSPHRPILQAGLPANKTVALGSNVEFMCKVYSDPQPHIQWLKHIEVNGSKI
GPDNLPYVQILKTAGVNTTDKEMEVLHLRNVSFEDAGEYTCLAGNSIGLSHHSAWLTVLEALEER
;
C,D
#
loop_
_chem_comp.id
_chem_comp.type
_chem_comp.name
_chem_comp.formula
SO4 non-polymer 'SULFATE ION' 'O4 S -2'
#
# COMPACT_ATOMS: atom_id res chain seq x y z
N TYR A 2 -10.14 -3.42 2.56
CA TYR A 2 -11.57 -3.00 2.42
C TYR A 2 -12.52 -4.15 2.79
N LYS A 3 -11.96 -5.34 2.97
CA LYS A 3 -12.75 -6.50 3.34
C LYS A 3 -12.78 -6.65 4.84
N LYS A 4 -11.80 -6.06 5.51
CA LYS A 4 -11.69 -6.13 6.96
C LYS A 4 -12.72 -5.20 7.65
N PRO A 5 -13.17 -5.58 8.86
CA PRO A 5 -14.14 -4.75 9.58
C PRO A 5 -13.47 -3.47 10.04
N LYS A 6 -14.20 -2.37 10.11
CA LYS A 6 -13.62 -1.12 10.54
C LYS A 6 -14.46 -0.51 11.65
N LEU A 7 -14.10 0.72 12.00
CA LEU A 7 -14.83 1.46 13.00
C LEU A 7 -15.11 2.77 12.26
N LEU A 8 -16.31 3.30 12.44
CA LEU A 8 -16.67 4.56 11.80
C LEU A 8 -16.65 5.61 12.92
N TYR A 9 -15.51 6.30 13.01
CA TYR A 9 -15.25 7.33 14.00
C TYR A 9 -15.96 8.59 13.58
N CYS A 10 -16.68 9.23 14.48
CA CYS A 10 -17.36 10.47 14.17
C CYS A 10 -16.58 11.63 14.76
N SER A 11 -16.21 12.59 13.92
CA SER A 11 -15.40 13.72 14.36
C SER A 11 -16.07 14.78 15.25
N ASN A 12 -17.39 14.64 15.44
CA ASN A 12 -18.13 15.59 16.25
C ASN A 12 -17.81 15.51 17.75
N GLY A 13 -17.52 14.33 18.26
CA GLY A 13 -17.19 14.19 19.68
C GLY A 13 -16.21 13.06 19.96
N GLY A 14 -15.70 12.47 18.88
CA GLY A 14 -14.77 11.37 19.02
C GLY A 14 -15.41 10.02 19.28
N HIS A 15 -16.71 9.92 19.00
CA HIS A 15 -17.44 8.67 19.23
C HIS A 15 -17.38 7.69 18.07
N PHE A 16 -17.27 6.41 18.41
CA PHE A 16 -17.25 5.33 17.42
C PHE A 16 -18.69 4.88 17.22
N LEU A 17 -19.15 4.90 15.97
CA LEU A 17 -20.51 4.49 15.66
C LEU A 17 -20.72 3.09 16.27
N ARG A 18 -21.77 2.97 17.08
CA ARG A 18 -22.11 1.70 17.76
C ARG A 18 -23.53 1.21 17.47
N ILE A 19 -23.68 -0.09 17.32
CA ILE A 19 -25.00 -0.68 17.09
C ILE A 19 -25.27 -1.70 18.19
N LEU A 20 -25.89 -1.25 19.28
CA LEU A 20 -26.21 -2.12 20.41
C LEU A 20 -27.21 -3.20 20.01
N PRO A 21 -27.00 -4.43 20.49
CA PRO A 21 -27.80 -5.64 20.22
C PRO A 21 -29.33 -5.54 20.32
N ASP A 22 -29.82 -4.45 20.87
CA ASP A 22 -31.25 -4.23 21.03
C ASP A 22 -31.79 -3.33 19.92
N GLY A 23 -30.91 -2.93 19.01
CA GLY A 23 -31.32 -2.07 17.92
C GLY A 23 -30.93 -0.62 18.16
N THR A 24 -30.40 -0.33 19.35
CA THR A 24 -29.99 1.04 19.66
C THR A 24 -28.72 1.45 18.95
N VAL A 25 -28.78 2.56 18.23
CA VAL A 25 -27.64 3.10 17.49
C VAL A 25 -27.13 4.37 18.18
N ASP A 26 -25.85 4.36 18.52
CA ASP A 26 -25.26 5.49 19.23
C ASP A 26 -23.75 5.48 19.07
N GLY A 27 -23.09 6.26 19.92
CA GLY A 27 -21.64 6.34 19.87
C GLY A 27 -20.99 6.09 21.23
N THR A 28 -19.71 5.76 21.20
CA THR A 28 -18.96 5.50 22.42
C THR A 28 -17.50 5.86 22.20
N ARG A 29 -16.77 6.08 23.29
CA ARG A 29 -15.36 6.42 23.16
C ARG A 29 -14.49 5.25 23.60
N ASP A 30 -15.05 4.04 23.62
CA ASP A 30 -14.31 2.85 24.02
C ASP A 30 -14.06 1.88 22.85
N ARG A 31 -12.78 1.68 22.50
CA ARG A 31 -12.42 0.80 21.39
C ARG A 31 -12.50 -0.66 21.71
N SER A 32 -12.59 -1.00 22.98
CA SER A 32 -12.67 -2.39 23.32
C SER A 32 -14.11 -2.89 23.29
N ASP A 33 -15.04 -1.95 23.15
CA ASP A 33 -16.48 -2.25 23.09
C ASP A 33 -16.67 -3.23 21.96
N GLN A 34 -17.38 -4.33 22.22
CA GLN A 34 -17.60 -5.36 21.21
C GLN A 34 -18.56 -5.03 20.07
N HIS A 35 -19.25 -3.90 20.14
CA HIS A 35 -20.22 -3.56 19.10
C HIS A 35 -19.91 -2.38 18.16
N ILE A 36 -18.64 -2.00 18.06
CA ILE A 36 -18.27 -0.89 17.17
C ILE A 36 -17.64 -1.35 15.85
N GLN A 37 -17.33 -2.64 15.74
CA GLN A 37 -16.74 -3.22 14.53
C GLN A 37 -17.77 -3.41 13.42
N LEU A 38 -17.59 -2.68 12.33
CA LEU A 38 -18.52 -2.74 11.22
C LEU A 38 -17.94 -3.32 9.94
N GLN A 39 -18.82 -3.96 9.18
CA GLN A 39 -18.45 -4.57 7.92
C GLN A 39 -19.26 -3.92 6.80
N LEU A 40 -18.64 -2.98 6.10
CA LEU A 40 -19.29 -2.28 4.99
C LEU A 40 -19.24 -3.10 3.73
N SER A 41 -20.32 -3.06 2.95
CA SER A 41 -20.39 -3.79 1.69
C SER A 41 -21.14 -2.99 0.65
N ALA A 42 -20.73 -3.12 -0.60
CA ALA A 42 -21.40 -2.40 -1.68
C ALA A 42 -22.43 -3.26 -2.39
N GLU A 43 -23.66 -2.79 -2.40
CA GLU A 43 -24.73 -3.51 -3.08
C GLU A 43 -24.56 -3.14 -4.55
N SER A 44 -24.11 -1.91 -4.75
CA SER A 44 -23.88 -1.34 -6.06
C SER A 44 -22.82 -0.30 -5.82
N VAL A 45 -22.30 0.28 -6.90
CA VAL A 45 -21.28 1.30 -6.79
C VAL A 45 -21.82 2.43 -5.91
N GLY A 46 -21.00 2.88 -4.97
CA GLY A 46 -21.39 3.98 -4.09
C GLY A 46 -22.42 3.75 -2.99
N GLU A 47 -23.13 2.62 -3.02
CA GLU A 47 -24.17 2.32 -2.04
C GLU A 47 -23.70 1.19 -1.13
N VAL A 48 -23.75 1.41 0.17
CA VAL A 48 -23.25 0.39 1.08
C VAL A 48 -24.17 -0.04 2.21
N TYR A 49 -23.87 -1.22 2.72
CA TYR A 49 -24.57 -1.76 3.88
C TYR A 49 -23.50 -1.57 4.95
N ILE A 50 -23.94 -1.51 6.20
CA ILE A 50 -23.03 -1.31 7.30
C ILE A 50 -23.55 -2.19 8.42
N LYS A 51 -22.89 -3.32 8.67
CA LYS A 51 -23.41 -4.17 9.73
C LYS A 51 -22.44 -4.57 10.81
N SER A 52 -22.97 -4.63 12.03
CA SER A 52 -22.17 -5.04 13.17
C SER A 52 -21.71 -6.46 12.93
N THR A 53 -20.43 -6.68 13.19
CA THR A 53 -19.83 -8.00 13.02
C THR A 53 -20.26 -8.87 14.19
N GLU A 54 -20.46 -8.23 15.34
CA GLU A 54 -20.85 -8.93 16.55
C GLU A 54 -22.26 -9.49 16.52
N THR A 55 -23.23 -8.63 16.23
CA THR A 55 -24.62 -9.06 16.20
C THR A 55 -25.20 -9.32 14.81
N GLY A 56 -24.55 -8.84 13.76
CA GLY A 56 -25.07 -9.08 12.42
C GLY A 56 -26.27 -8.19 12.14
N GLN A 57 -26.34 -7.06 12.84
CA GLN A 57 -27.43 -6.12 12.64
C GLN A 57 -26.96 -5.08 11.63
N TYR A 58 -27.87 -4.62 10.78
CA TYR A 58 -27.54 -3.60 9.80
C TYR A 58 -27.91 -2.23 10.32
N LEU A 59 -27.12 -1.24 9.97
CA LEU A 59 -27.41 0.11 10.38
C LEU A 59 -28.51 0.51 9.43
N ALA A 60 -29.54 1.18 9.96
CA ALA A 60 -30.67 1.58 9.15
C ALA A 60 -31.26 2.88 9.67
N MET A 61 -32.07 3.51 8.83
CA MET A 61 -32.73 4.76 9.19
C MET A 61 -34.23 4.58 8.94
N ASP A 62 -35.04 4.84 9.97
CA ASP A 62 -36.49 4.73 9.87
C ASP A 62 -37.03 5.93 9.12
N THR A 63 -38.33 5.94 8.86
CA THR A 63 -38.93 7.05 8.15
C THR A 63 -38.92 8.34 8.95
N ASP A 64 -38.52 8.24 10.22
CA ASP A 64 -38.43 9.41 11.12
C ASP A 64 -37.09 10.06 10.91
N GLY A 65 -36.10 9.24 10.56
CA GLY A 65 -34.76 9.74 10.38
C GLY A 65 -33.98 9.34 11.61
N LEU A 66 -34.33 8.15 12.13
CA LEU A 66 -33.70 7.62 13.32
C LEU A 66 -32.91 6.35 13.03
N LEU A 67 -31.65 6.35 13.44
CA LEU A 67 -30.76 5.22 13.22
C LEU A 67 -31.13 4.04 14.10
N TYR A 68 -31.09 2.83 13.56
CA TYR A 68 -31.42 1.66 14.34
C TYR A 68 -30.81 0.40 13.75
N GLY A 69 -30.65 -0.62 14.58
CA GLY A 69 -30.08 -1.89 14.12
C GLY A 69 -31.16 -2.75 13.50
N SER A 70 -30.85 -3.34 12.36
CA SER A 70 -31.81 -4.17 11.66
C SER A 70 -31.35 -5.63 11.57
N GLN A 71 -32.18 -6.55 12.03
CA GLN A 71 -31.85 -7.97 12.01
C GLN A 71 -31.62 -8.47 10.57
N THR A 72 -32.31 -7.86 9.62
CA THR A 72 -32.18 -8.23 8.21
C THR A 72 -32.06 -6.95 7.39
N PRO A 73 -31.31 -7.01 6.28
CA PRO A 73 -31.10 -5.85 5.39
C PRO A 73 -32.33 -5.49 4.55
N ASN A 74 -32.48 -4.20 4.27
CA ASN A 74 -33.59 -3.71 3.47
C ASN A 74 -33.31 -2.30 2.97
N GLU A 75 -34.31 -1.72 2.31
CA GLU A 75 -34.16 -0.38 1.74
C GLU A 75 -33.67 0.65 2.76
N GLU A 76 -34.09 0.48 4.00
CA GLU A 76 -33.69 1.41 5.05
C GLU A 76 -32.25 1.22 5.51
N CYS A 77 -31.57 0.19 5.00
CA CYS A 77 -30.19 -0.11 5.39
C CYS A 77 -29.13 0.44 4.43
N LEU A 78 -29.50 0.65 3.18
CA LEU A 78 -28.56 1.16 2.19
C LEU A 78 -28.25 2.65 2.31
N PHE A 79 -26.95 2.95 2.35
CA PHE A 79 -26.49 4.31 2.46
C PHE A 79 -25.53 4.69 1.33
N LEU A 80 -25.61 5.94 0.90
CA LEU A 80 -24.72 6.45 -0.12
C LEU A 80 -23.44 6.88 0.56
N GLU A 81 -22.32 6.28 0.15
CA GLU A 81 -21.01 6.59 0.73
C GLU A 81 -20.23 7.55 -0.15
N ARG A 82 -19.87 8.70 0.38
CA ARG A 82 -19.09 9.62 -0.40
C ARG A 82 -17.88 10.12 0.37
N LEU A 83 -16.72 10.04 -0.26
CA LEU A 83 -15.50 10.54 0.34
C LEU A 83 -15.47 12.01 -0.02
N GLU A 84 -15.65 12.87 0.97
CA GLU A 84 -15.67 14.30 0.71
C GLU A 84 -14.29 14.93 0.46
N GLU A 85 -14.32 16.12 -0.11
CA GLU A 85 -13.12 16.87 -0.39
C GLU A 85 -12.31 17.11 0.89
N ASN A 86 -13.00 17.31 2.00
CA ASN A 86 -12.36 17.53 3.28
C ASN A 86 -11.76 16.22 3.80
N HIS A 87 -11.80 15.20 2.95
CA HIS A 87 -11.23 13.89 3.26
C HIS A 87 -11.96 13.05 4.29
N TYR A 88 -13.18 13.45 4.61
CA TYR A 88 -13.99 12.70 5.55
C TYR A 88 -15.02 11.95 4.74
N ASN A 89 -15.74 11.05 5.40
CA ASN A 89 -16.79 10.28 4.75
C ASN A 89 -18.13 10.74 5.27
N THR A 90 -19.13 10.70 4.42
CA THR A 90 -20.47 11.02 4.84
C THR A 90 -21.33 9.90 4.29
N TYR A 91 -22.37 9.55 5.04
CA TYR A 91 -23.28 8.51 4.61
C TYR A 91 -24.70 9.05 4.61
N ILE A 92 -25.27 9.17 3.42
CA ILE A 92 -26.62 9.67 3.25
C ILE A 92 -27.60 8.53 3.07
N SER A 93 -28.76 8.65 3.71
CA SER A 93 -29.80 7.63 3.61
C SER A 93 -30.18 7.50 2.14
N LYS A 94 -30.03 6.30 1.61
CA LYS A 94 -30.34 6.01 0.21
C LYS A 94 -31.82 6.26 -0.02
N LYS A 95 -32.64 5.80 0.92
CA LYS A 95 -34.08 5.95 0.85
C LYS A 95 -34.56 7.39 1.04
N HIS A 96 -33.88 8.13 1.90
CA HIS A 96 -34.27 9.50 2.15
C HIS A 96 -33.27 10.51 1.60
N ALA A 97 -32.72 10.16 0.44
CA ALA A 97 -31.72 11.00 -0.22
C ALA A 97 -32.24 12.39 -0.57
N GLU A 98 -33.34 12.43 -1.31
CA GLU A 98 -33.97 13.69 -1.71
C GLU A 98 -33.92 14.74 -0.61
N LYS A 99 -34.25 14.34 0.61
CA LYS A 99 -34.26 15.27 1.74
C LYS A 99 -32.86 15.50 2.28
N ASN A 100 -31.89 14.71 1.83
CA ASN A 100 -30.52 14.85 2.32
C ASN A 100 -30.45 14.51 3.81
N TRP A 101 -30.76 13.25 4.10
CA TRP A 101 -30.74 12.74 5.46
C TRP A 101 -29.43 12.01 5.76
N PHE A 102 -28.58 12.64 6.56
CA PHE A 102 -27.29 12.05 6.87
C PHE A 102 -27.29 11.17 8.10
N VAL A 103 -26.30 10.30 8.15
CA VAL A 103 -26.06 9.45 9.30
C VAL A 103 -25.13 10.39 10.04
N GLY A 104 -25.46 10.69 11.29
CA GLY A 104 -24.62 11.59 12.04
C GLY A 104 -24.69 11.25 13.51
N LEU A 105 -23.98 12.01 14.32
CA LEU A 105 -23.97 11.79 15.74
C LEU A 105 -23.74 13.11 16.42
N LYS A 106 -24.29 13.26 17.63
CA LYS A 106 -24.17 14.49 18.38
C LYS A 106 -22.98 14.57 19.34
N LYS A 107 -22.66 15.78 19.77
CA LYS A 107 -21.56 16.02 20.70
C LYS A 107 -21.45 14.99 21.80
N ASN A 108 -22.57 14.40 22.20
CA ASN A 108 -22.53 13.39 23.24
C ASN A 108 -22.65 11.99 22.69
N GLY A 109 -22.58 11.85 21.38
CA GLY A 109 -22.64 10.54 20.76
C GLY A 109 -24.03 9.94 20.60
N SER A 110 -25.03 10.71 20.96
CA SER A 110 -26.38 10.23 20.84
C SER A 110 -26.86 10.36 19.41
N CYS A 111 -27.68 9.41 18.98
CA CYS A 111 -28.24 9.39 17.64
C CYS A 111 -28.73 10.79 17.25
N LYS A 112 -28.36 11.26 16.07
CA LYS A 112 -28.81 12.57 15.61
C LYS A 112 -29.83 12.46 14.48
N ARG A 113 -31.10 12.70 14.80
CA ARG A 113 -32.19 12.63 13.84
C ARG A 113 -31.79 13.14 12.46
N GLY A 114 -31.89 12.26 11.47
CA GLY A 114 -31.52 12.61 10.11
C GLY A 114 -32.05 13.95 9.62
N PRO A 115 -33.31 14.32 9.92
CA PRO A 115 -33.82 15.60 9.46
C PRO A 115 -33.22 16.83 10.13
N ARG A 116 -32.27 16.62 11.04
CA ARG A 116 -31.62 17.75 11.73
C ARG A 116 -30.14 17.83 11.34
N THR A 117 -29.76 17.05 10.35
CA THR A 117 -28.38 17.02 9.87
C THR A 117 -28.21 17.90 8.64
N HIS A 118 -27.16 18.73 8.66
CA HIS A 118 -26.86 19.65 7.57
C HIS A 118 -25.52 19.33 6.93
N TYR A 119 -25.36 19.75 5.67
CA TYR A 119 -24.12 19.54 4.93
C TYR A 119 -22.88 20.06 5.64
N GLY A 120 -23.03 21.16 6.38
CA GLY A 120 -21.89 21.73 7.07
C GLY A 120 -21.67 21.27 8.50
N GLN A 121 -22.31 20.18 8.89
CA GLN A 121 -22.17 19.71 10.25
C GLN A 121 -20.99 18.75 10.50
N LYS A 122 -20.46 18.80 11.71
CA LYS A 122 -19.35 17.93 12.11
C LYS A 122 -19.95 16.58 12.47
N ALA A 123 -21.23 16.59 12.78
CA ALA A 123 -21.94 15.38 13.17
C ALA A 123 -22.00 14.31 12.07
N ILE A 124 -22.06 14.74 10.82
CA ILE A 124 -22.15 13.79 9.70
C ILE A 124 -20.80 13.36 9.11
N LEU A 125 -19.71 13.84 9.70
CA LEU A 125 -18.37 13.50 9.22
C LEU A 125 -17.83 12.28 9.94
N PHE A 126 -17.47 11.28 9.13
CA PHE A 126 -16.96 10.03 9.67
C PHE A 126 -15.60 9.66 9.11
N LEU A 127 -14.86 8.89 9.90
CA LEU A 127 -13.54 8.46 9.49
C LEU A 127 -13.40 6.96 9.69
N PRO A 128 -12.96 6.22 8.65
CA PRO A 128 -12.79 4.76 8.81
C PRO A 128 -11.48 4.49 9.58
N LEU A 129 -11.51 3.57 10.54
CA LEU A 129 -10.31 3.25 11.29
C LEU A 129 -10.20 1.76 11.47
N PRO A 130 -8.96 1.25 11.63
CA PRO A 130 -8.73 -0.19 11.81
C PRO A 130 -9.17 -0.53 13.23
N VAL A 131 -9.57 -1.76 13.47
CA VAL A 131 -10.04 -2.09 14.81
C VAL A 131 -9.08 -1.68 15.92
N SER A 132 -7.79 -1.96 15.73
CA SER A 132 -6.75 -1.63 16.72
C SER A 132 -5.98 -0.34 16.40
N TYR B 2 10.24 2.95 -2.00
CA TYR B 2 11.18 3.22 -3.14
C TYR B 2 12.46 3.91 -2.65
N LYS B 3 12.45 4.32 -1.38
CA LYS B 3 13.61 4.96 -0.79
C LYS B 3 14.49 3.91 -0.11
N LYS B 4 13.90 2.77 0.22
CA LYS B 4 14.61 1.68 0.87
C LYS B 4 15.54 0.94 -0.12
N PRO B 5 16.63 0.36 0.39
CA PRO B 5 17.56 -0.36 -0.49
C PRO B 5 16.92 -1.67 -0.93
N LYS B 6 17.22 -2.13 -2.14
CA LYS B 6 16.62 -3.37 -2.61
C LYS B 6 17.70 -4.30 -3.10
N LEU B 7 17.26 -5.39 -3.71
CA LEU B 7 18.16 -6.36 -4.30
C LEU B 7 17.61 -6.47 -5.72
N LEU B 8 18.51 -6.55 -6.70
CA LEU B 8 18.09 -6.70 -8.09
C LEU B 8 18.35 -8.16 -8.44
N TYR B 9 17.31 -8.98 -8.31
CA TYR B 9 17.38 -10.40 -8.58
C TYR B 9 17.30 -10.62 -10.08
N CYS B 10 18.20 -11.44 -10.63
CA CYS B 10 18.17 -11.73 -12.05
C CYS B 10 17.57 -13.10 -12.29
N SER B 11 16.53 -13.14 -13.12
CA SER B 11 15.80 -14.37 -13.41
C SER B 11 16.52 -15.45 -14.21
N ASN B 12 17.69 -15.12 -14.75
CA ASN B 12 18.44 -16.09 -15.55
C ASN B 12 19.02 -17.27 -14.76
N GLY B 13 19.42 -17.03 -13.50
CA GLY B 13 19.95 -18.12 -12.69
C GLY B 13 19.65 -17.96 -11.22
N GLY B 14 18.84 -16.95 -10.90
CA GLY B 14 18.48 -16.70 -9.53
C GLY B 14 19.51 -15.91 -8.75
N HIS B 15 20.43 -15.26 -9.46
CA HIS B 15 21.50 -14.50 -8.80
C HIS B 15 21.12 -13.07 -8.48
N PHE B 16 21.57 -12.61 -7.32
CA PHE B 16 21.34 -11.25 -6.86
C PHE B 16 22.49 -10.39 -7.35
N LEU B 17 22.17 -9.33 -8.08
CA LEU B 17 23.19 -8.42 -8.58
C LEU B 17 24.10 -8.00 -7.42
N ARG B 18 25.40 -8.24 -7.58
CA ARG B 18 26.43 -7.94 -6.57
C ARG B 18 27.52 -7.00 -7.06
N ILE B 19 27.94 -6.07 -6.20
CA ILE B 19 29.02 -5.15 -6.55
C ILE B 19 30.13 -5.28 -5.50
N LEU B 20 31.07 -6.20 -5.75
CA LEU B 20 32.20 -6.45 -4.84
C LEU B 20 33.10 -5.21 -4.71
N PRO B 21 33.53 -4.92 -3.48
CA PRO B 21 34.38 -3.79 -3.08
C PRO B 21 35.60 -3.45 -3.95
N ASP B 22 35.99 -4.37 -4.82
CA ASP B 22 37.13 -4.17 -5.69
C ASP B 22 36.69 -3.70 -7.08
N GLY B 23 35.40 -3.51 -7.25
CA GLY B 23 34.90 -3.06 -8.54
C GLY B 23 34.29 -4.19 -9.33
N THR B 24 34.42 -5.42 -8.84
CA THR B 24 33.87 -6.59 -9.55
C THR B 24 32.35 -6.68 -9.43
N VAL B 25 31.69 -6.75 -10.59
CA VAL B 25 30.25 -6.86 -10.66
C VAL B 25 29.85 -8.27 -11.07
N ASP B 26 29.04 -8.92 -10.25
CA ASP B 26 28.64 -10.30 -10.51
C ASP B 26 27.35 -10.62 -9.78
N GLY B 27 27.05 -11.91 -9.70
CA GLY B 27 25.84 -12.34 -9.02
C GLY B 27 26.13 -13.41 -8.00
N THR B 28 25.21 -13.59 -7.06
CA THR B 28 25.33 -14.59 -6.01
C THR B 28 23.95 -15.08 -5.57
N ARG B 29 23.90 -16.25 -4.95
CA ARG B 29 22.63 -16.78 -4.51
C ARG B 29 22.51 -16.67 -2.99
N ASP B 30 23.32 -15.79 -2.38
CA ASP B 30 23.28 -15.61 -0.93
C ASP B 30 22.73 -14.26 -0.49
N ARG B 31 21.59 -14.26 0.19
CA ARG B 31 20.96 -13.02 0.63
C ARG B 31 21.62 -12.38 1.83
N SER B 32 22.46 -13.13 2.53
CA SER B 32 23.11 -12.54 3.68
C SER B 32 24.38 -11.80 3.27
N ASP B 33 24.77 -11.96 2.01
CA ASP B 33 25.94 -11.29 1.44
C ASP B 33 25.78 -9.80 1.66
N GLN B 34 26.80 -9.16 2.21
CA GLN B 34 26.76 -7.72 2.49
C GLN B 34 26.79 -6.78 1.30
N HIS B 35 27.06 -7.30 0.10
CA HIS B 35 27.15 -6.42 -1.07
C HIS B 35 26.06 -6.50 -2.15
N ILE B 36 24.89 -7.03 -1.80
CA ILE B 36 23.79 -7.14 -2.74
C ILE B 36 22.73 -6.04 -2.57
N GLN B 37 22.80 -5.31 -1.46
CA GLN B 37 21.86 -4.22 -1.18
C GLN B 37 22.13 -2.96 -2.00
N LEU B 38 21.18 -2.60 -2.87
CA LEU B 38 21.36 -1.45 -3.72
C LEU B 38 20.36 -0.33 -3.47
N GLN B 39 20.83 0.89 -3.72
CA GLN B 39 20.01 2.08 -3.56
C GLN B 39 19.89 2.78 -4.90
N LEU B 40 18.75 2.58 -5.55
CA LEU B 40 18.50 3.20 -6.85
C LEU B 40 18.01 4.62 -6.66
N SER B 41 18.42 5.50 -7.58
CA SER B 41 18.02 6.91 -7.51
C SER B 41 17.81 7.44 -8.92
N ALA B 42 16.86 8.35 -9.07
CA ALA B 42 16.58 8.94 -10.36
C ALA B 42 17.29 10.28 -10.53
N GLU B 43 18.11 10.40 -11.55
CA GLU B 43 18.80 11.66 -11.81
C GLU B 43 17.77 12.49 -12.57
N SER B 44 16.93 11.78 -13.30
CA SER B 44 15.89 12.36 -14.12
C SER B 44 14.88 11.25 -14.30
N VAL B 45 13.72 11.59 -14.87
CA VAL B 45 12.66 10.62 -15.10
C VAL B 45 13.26 9.43 -15.86
N GLY B 46 12.97 8.21 -15.40
CA GLY B 46 13.46 7.03 -16.09
C GLY B 46 14.93 6.65 -16.05
N GLU B 47 15.80 7.55 -15.63
CA GLU B 47 17.24 7.28 -15.57
C GLU B 47 17.66 7.11 -14.12
N VAL B 48 18.33 6.01 -13.82
CA VAL B 48 18.73 5.75 -12.45
C VAL B 48 20.18 5.45 -12.17
N TYR B 49 20.56 5.67 -10.92
CA TYR B 49 21.88 5.33 -10.44
C TYR B 49 21.56 4.09 -9.63
N ILE B 50 22.56 3.23 -9.44
CA ILE B 50 22.38 2.00 -8.68
C ILE B 50 23.64 1.84 -7.87
N LYS B 51 23.60 2.11 -6.57
CA LYS B 51 24.84 1.97 -5.82
C LYS B 51 24.77 1.12 -4.58
N SER B 52 25.86 0.39 -4.35
CA SER B 52 25.99 -0.47 -3.20
C SER B 52 25.86 0.39 -1.95
N THR B 53 25.04 -0.07 -1.00
CA THR B 53 24.87 0.68 0.24
C THR B 53 26.09 0.41 1.12
N GLU B 54 26.68 -0.76 0.94
CA GLU B 54 27.83 -1.18 1.71
C GLU B 54 29.10 -0.41 1.38
N THR B 55 29.45 -0.37 0.09
CA THR B 55 30.66 0.27 -0.37
C THR B 55 30.46 1.67 -0.95
N GLY B 56 29.25 2.00 -1.36
CA GLY B 56 29.01 3.30 -1.95
C GLY B 56 29.54 3.37 -3.37
N GLN B 57 29.67 2.20 -4.00
CA GLN B 57 30.14 2.16 -5.38
C GLN B 57 28.92 2.12 -6.30
N TYR B 58 29.04 2.81 -7.44
CA TYR B 58 27.98 2.87 -8.43
C TYR B 58 28.15 1.74 -9.44
N LEU B 59 27.05 1.20 -9.92
CA LEU B 59 27.11 0.16 -10.94
C LEU B 59 27.34 0.98 -12.20
N ALA B 60 28.24 0.51 -13.04
CA ALA B 60 28.56 1.22 -14.27
C ALA B 60 28.97 0.25 -15.36
N MET B 61 29.01 0.76 -16.58
CA MET B 61 29.38 -0.04 -17.72
C MET B 61 30.46 0.70 -18.49
N ASP B 62 31.56 0.01 -18.74
CA ASP B 62 32.70 0.58 -19.46
C ASP B 62 32.37 0.62 -20.95
N THR B 63 33.25 1.21 -21.74
CA THR B 63 32.99 1.28 -23.17
C THR B 63 33.07 -0.08 -23.85
N ASP B 64 33.46 -1.10 -23.08
CA ASP B 64 33.55 -2.46 -23.60
C ASP B 64 32.19 -3.13 -23.44
N GLY B 65 31.46 -2.69 -22.42
CA GLY B 65 30.15 -3.26 -22.15
C GLY B 65 30.34 -4.19 -20.97
N LEU B 66 31.20 -3.78 -20.07
CA LEU B 66 31.50 -4.56 -18.88
C LEU B 66 31.10 -3.81 -17.62
N LEU B 67 30.31 -4.50 -16.79
CA LEU B 67 29.81 -3.94 -15.54
C LEU B 67 30.91 -3.83 -14.50
N TYR B 68 30.94 -2.73 -13.76
CA TYR B 68 31.95 -2.53 -12.74
C TYR B 68 31.52 -1.51 -11.70
N GLY B 69 32.14 -1.60 -10.51
CA GLY B 69 31.82 -0.67 -9.43
C GLY B 69 32.58 0.64 -9.58
N SER B 70 31.90 1.76 -9.41
CA SER B 70 32.56 3.04 -9.55
C SER B 70 32.53 3.83 -8.24
N GLN B 71 33.71 4.25 -7.81
CA GLN B 71 33.85 5.00 -6.56
C GLN B 71 33.03 6.28 -6.61
N THR B 72 32.90 6.87 -7.78
CA THR B 72 32.12 8.10 -7.95
C THR B 72 31.22 7.95 -9.17
N PRO B 73 30.05 8.59 -9.15
CA PRO B 73 29.06 8.55 -10.24
C PRO B 73 29.48 9.31 -11.49
N ASN B 74 29.10 8.80 -12.66
CA ASN B 74 29.43 9.43 -13.94
C ASN B 74 28.50 8.94 -15.03
N GLU B 75 28.74 9.41 -16.25
CA GLU B 75 27.90 9.02 -17.38
C GLU B 75 27.81 7.50 -17.55
N GLU B 76 28.85 6.77 -17.17
CA GLU B 76 28.84 5.32 -17.29
C GLU B 76 28.02 4.64 -16.19
N CYS B 77 27.48 5.43 -15.26
CA CYS B 77 26.70 4.86 -14.16
C CYS B 77 25.19 4.97 -14.35
N LEU B 78 24.74 5.91 -15.18
CA LEU B 78 23.32 6.12 -15.46
C LEU B 78 22.69 5.06 -16.36
N PHE B 79 21.61 4.46 -15.88
CA PHE B 79 20.90 3.44 -16.63
C PHE B 79 19.41 3.78 -16.81
N LEU B 80 18.89 3.37 -17.96
CA LEU B 80 17.49 3.60 -18.28
C LEU B 80 16.72 2.44 -17.67
N GLU B 81 15.79 2.76 -16.78
CA GLU B 81 14.99 1.74 -16.12
C GLU B 81 13.61 1.64 -16.74
N ARG B 82 13.27 0.45 -17.21
CA ARG B 82 11.98 0.25 -17.82
C ARG B 82 11.29 -0.98 -17.24
N LEU B 83 10.04 -0.81 -16.82
CA LEU B 83 9.26 -1.90 -16.29
C LEU B 83 8.61 -2.51 -17.53
N GLU B 84 9.04 -3.71 -17.90
CA GLU B 84 8.51 -4.35 -19.10
C GLU B 84 7.12 -4.93 -18.94
N GLU B 85 6.49 -5.19 -20.08
CA GLU B 85 5.16 -5.77 -20.10
C GLU B 85 5.13 -7.11 -19.38
N ASN B 86 6.23 -7.87 -19.47
CA ASN B 86 6.33 -9.16 -18.82
C ASN B 86 6.51 -8.96 -17.32
N HIS B 87 6.39 -7.70 -16.88
CA HIS B 87 6.51 -7.32 -15.48
C HIS B 87 7.88 -7.43 -14.83
N TYR B 88 8.91 -7.53 -15.66
CA TYR B 88 10.27 -7.57 -15.14
C TYR B 88 10.85 -6.21 -15.45
N ASN B 89 12.03 -5.95 -14.91
CA ASN B 89 12.71 -4.69 -15.15
C ASN B 89 13.94 -4.97 -15.97
N THR B 90 14.29 -3.99 -16.80
CA THR B 90 15.50 -4.10 -17.61
C THR B 90 16.20 -2.78 -17.43
N TYR B 91 17.53 -2.85 -17.45
CA TYR B 91 18.33 -1.65 -17.27
C TYR B 91 19.28 -1.52 -18.46
N ILE B 92 19.07 -0.49 -19.27
CA ILE B 92 19.88 -0.26 -20.44
C ILE B 92 20.90 0.84 -20.17
N SER B 93 22.14 0.61 -20.62
CA SER B 93 23.20 1.60 -20.49
C SER B 93 22.72 2.90 -21.13
N LYS B 94 22.66 3.96 -20.34
CA LYS B 94 22.22 5.26 -20.85
C LYS B 94 23.23 5.76 -21.87
N LYS B 95 24.52 5.55 -21.61
CA LYS B 95 25.55 6.01 -22.53
C LYS B 95 25.64 5.14 -23.79
N HIS B 96 25.35 3.86 -23.66
CA HIS B 96 25.43 2.97 -24.82
C HIS B 96 24.04 2.48 -25.24
N ALA B 97 23.07 3.39 -25.14
CA ALA B 97 21.68 3.10 -25.48
C ALA B 97 21.48 2.72 -26.94
N GLU B 98 21.95 3.57 -27.84
CA GLU B 98 21.83 3.33 -29.27
C GLU B 98 22.12 1.85 -29.64
N LYS B 99 23.15 1.28 -29.04
CA LYS B 99 23.52 -0.11 -29.31
C LYS B 99 22.63 -1.08 -28.57
N ASN B 100 21.84 -0.57 -27.62
CA ASN B 100 20.97 -1.43 -26.81
C ASN B 100 21.81 -2.36 -25.95
N TRP B 101 22.58 -1.77 -25.06
CA TRP B 101 23.46 -2.49 -24.14
C TRP B 101 22.79 -2.69 -22.78
N PHE B 102 22.36 -3.92 -22.51
CA PHE B 102 21.68 -4.21 -21.26
C PHE B 102 22.59 -4.61 -20.13
N VAL B 103 22.07 -4.43 -18.92
CA VAL B 103 22.74 -4.85 -17.71
C VAL B 103 22.15 -6.25 -17.64
N GLY B 104 23.00 -7.26 -17.58
CA GLY B 104 22.48 -8.61 -17.53
C GLY B 104 23.42 -9.50 -16.75
N LEU B 105 23.07 -10.77 -16.67
CA LEU B 105 23.90 -11.71 -15.94
C LEU B 105 23.70 -13.08 -16.58
N LYS B 106 24.75 -13.90 -16.52
CA LYS B 106 24.70 -15.22 -17.11
C LYS B 106 24.25 -16.35 -16.19
N LYS B 107 23.88 -17.48 -16.78
CA LYS B 107 23.44 -18.66 -16.04
C LYS B 107 24.23 -18.91 -14.77
N ASN B 108 25.50 -18.54 -14.76
CA ASN B 108 26.32 -18.75 -13.57
C ASN B 108 26.53 -17.47 -12.78
N GLY B 109 25.81 -16.42 -13.13
CA GLY B 109 25.92 -15.17 -12.40
C GLY B 109 27.08 -14.29 -12.75
N SER B 110 27.85 -14.71 -13.74
CA SER B 110 29.00 -13.95 -14.16
C SER B 110 28.57 -12.80 -15.05
N CYS B 111 29.26 -11.67 -14.89
CA CYS B 111 29.01 -10.48 -15.68
C CYS B 111 28.78 -10.84 -17.16
N LYS B 112 27.70 -10.35 -17.76
CA LYS B 112 27.43 -10.64 -19.17
C LYS B 112 27.66 -9.41 -20.06
N ARG B 113 28.77 -9.41 -20.80
CA ARG B 113 29.15 -8.32 -21.69
C ARG B 113 27.93 -7.69 -22.37
N GLY B 114 27.74 -6.40 -22.13
CA GLY B 114 26.62 -5.68 -22.72
C GLY B 114 26.38 -5.93 -24.20
N PRO B 115 27.43 -6.01 -25.03
CA PRO B 115 27.24 -6.25 -26.46
C PRO B 115 26.75 -7.66 -26.81
N ARG B 116 26.54 -8.51 -25.80
CA ARG B 116 26.07 -9.88 -26.05
C ARG B 116 24.66 -10.08 -25.48
N THR B 117 24.04 -8.98 -25.06
CA THR B 117 22.71 -9.03 -24.49
C THR B 117 21.65 -8.66 -25.52
N HIS B 118 20.60 -9.49 -25.60
CA HIS B 118 19.51 -9.28 -26.55
C HIS B 118 18.20 -9.01 -25.82
N TYR B 119 17.27 -8.36 -26.51
CA TYR B 119 15.96 -8.03 -25.96
C TYR B 119 15.21 -9.26 -25.45
N GLY B 120 15.43 -10.41 -26.09
CA GLY B 120 14.72 -11.59 -25.65
C GLY B 120 15.45 -12.48 -24.67
N GLN B 121 16.49 -11.95 -24.04
CA GLN B 121 17.24 -12.77 -23.08
C GLN B 121 16.72 -12.73 -21.63
N LYS B 122 16.91 -13.84 -20.93
CA LYS B 122 16.52 -13.96 -19.54
C LYS B 122 17.56 -13.26 -18.68
N ALA B 123 18.75 -13.10 -19.25
CA ALA B 123 19.86 -12.48 -18.56
C ALA B 123 19.63 -11.00 -18.20
N ILE B 124 18.89 -10.29 -19.05
CA ILE B 124 18.65 -8.88 -18.78
C ILE B 124 17.36 -8.58 -17.97
N LEU B 125 16.69 -9.64 -17.52
CA LEU B 125 15.47 -9.49 -16.75
C LEU B 125 15.78 -9.47 -15.26
N PHE B 126 15.33 -8.39 -14.62
CA PHE B 126 15.59 -8.20 -13.20
C PHE B 126 14.32 -7.97 -12.39
N LEU B 127 14.37 -8.36 -11.13
CA LEU B 127 13.24 -8.20 -10.24
C LEU B 127 13.66 -7.53 -8.94
N PRO B 128 13.00 -6.43 -8.56
CA PRO B 128 13.34 -5.74 -7.30
C PRO B 128 12.81 -6.56 -6.11
N LEU B 129 13.61 -6.72 -5.06
CA LEU B 129 13.17 -7.48 -3.88
C LEU B 129 13.59 -6.76 -2.65
N PRO B 130 12.84 -6.96 -1.54
CA PRO B 130 13.16 -6.33 -0.25
C PRO B 130 14.38 -7.07 0.31
N VAL B 131 15.18 -6.41 1.13
CA VAL B 131 16.37 -7.08 1.64
C VAL B 131 16.08 -8.45 2.25
N SER B 132 15.03 -8.52 3.07
CA SER B 132 14.62 -9.77 3.75
C SER B 132 13.52 -10.53 3.02
N ASN C 7 1.85 37.81 44.70
CA ASN C 7 1.01 39.05 44.56
C ASN C 7 -0.46 38.79 44.87
N ARG C 8 -1.04 37.76 44.26
CA ARG C 8 -2.45 37.44 44.50
C ARG C 8 -2.64 36.09 45.18
N MET C 9 -3.86 35.87 45.70
CA MET C 9 -4.17 34.63 46.39
C MET C 9 -3.87 33.38 45.58
N PRO C 10 -2.98 32.54 46.10
CA PRO C 10 -2.62 31.29 45.40
C PRO C 10 -3.82 30.46 44.95
N VAL C 11 -3.67 29.84 43.79
CA VAL C 11 -4.71 28.99 43.20
C VAL C 11 -4.09 27.93 42.31
N ALA C 12 -4.21 26.67 42.71
CA ALA C 12 -3.65 25.58 41.92
C ALA C 12 -4.31 25.59 40.54
N PRO C 13 -3.58 25.20 39.49
CA PRO C 13 -4.14 25.17 38.13
C PRO C 13 -5.35 24.24 37.99
N TYR C 14 -6.36 24.73 37.28
CA TYR C 14 -7.59 23.97 37.05
C TYR C 14 -8.14 24.14 35.64
N TRP C 15 -8.92 23.16 35.21
CA TRP C 15 -9.54 23.18 33.89
C TRP C 15 -10.62 24.26 33.77
N THR C 16 -10.64 24.95 32.63
CA THR C 16 -11.59 26.02 32.38
C THR C 16 -12.66 25.59 31.38
N SER C 17 -12.52 24.38 30.87
CA SER C 17 -13.49 23.90 29.90
C SER C 17 -13.41 22.37 29.85
N PRO C 18 -13.39 21.74 31.03
CA PRO C 18 -13.29 20.28 31.18
C PRO C 18 -14.08 19.53 30.14
N GLU C 19 -15.26 20.07 29.83
CA GLU C 19 -16.15 19.47 28.85
C GLU C 19 -15.39 19.16 27.56
N LYS C 20 -14.97 20.22 26.87
CA LYS C 20 -14.25 20.07 25.61
C LYS C 20 -13.19 18.96 25.66
N MET C 21 -12.59 18.73 26.82
CA MET C 21 -11.56 17.71 26.97
C MET C 21 -12.07 16.27 26.98
N GLU C 22 -13.38 16.08 27.08
CA GLU C 22 -13.97 14.73 27.12
C GLU C 22 -13.55 13.90 25.89
N LYS C 23 -13.52 14.57 24.74
CA LYS C 23 -13.14 13.95 23.48
C LYS C 23 -11.63 13.64 23.57
N LYS C 24 -11.29 12.43 24.00
CA LYS C 24 -9.89 12.05 24.17
C LYS C 24 -9.17 11.71 22.88
N LEU C 25 -9.79 10.89 22.05
CA LEU C 25 -9.16 10.49 20.79
C LEU C 25 -9.47 11.40 19.61
N HIS C 26 -8.41 11.86 18.95
CA HIS C 26 -8.55 12.70 17.77
C HIS C 26 -8.08 11.89 16.57
N ALA C 27 -9.03 11.41 15.78
CA ALA C 27 -8.68 10.66 14.59
C ALA C 27 -8.81 11.66 13.45
N VAL C 28 -7.76 11.81 12.66
CA VAL C 28 -7.78 12.77 11.57
C VAL C 28 -7.22 12.21 10.26
N PRO C 29 -7.77 12.67 9.14
CA PRO C 29 -7.24 12.16 7.87
C PRO C 29 -5.90 12.88 7.62
N ALA C 30 -4.92 12.15 7.11
CA ALA C 30 -3.62 12.73 6.86
C ALA C 30 -3.69 14.08 6.15
N ALA C 31 -2.80 14.99 6.55
CA ALA C 31 -2.67 16.32 5.96
C ALA C 31 -3.48 17.40 6.66
N LYS C 32 -4.40 17.02 7.54
CA LYS C 32 -5.17 18.04 8.22
C LYS C 32 -4.33 18.66 9.35
N THR C 33 -4.68 19.89 9.72
CA THR C 33 -4.02 20.59 10.81
C THR C 33 -4.73 20.12 12.07
N VAL C 34 -3.95 19.67 13.05
CA VAL C 34 -4.53 19.21 14.30
C VAL C 34 -4.25 20.18 15.43
N LYS C 35 -5.26 20.54 16.20
CA LYS C 35 -5.05 21.44 17.35
C LYS C 35 -5.53 20.78 18.67
N PHE C 36 -4.76 20.92 19.76
CA PHE C 36 -5.11 20.37 21.08
C PHE C 36 -5.20 21.46 22.13
N LYS C 37 -6.23 21.43 22.95
CA LYS C 37 -6.38 22.48 23.95
C LYS C 37 -6.57 21.94 25.35
N CYS C 38 -6.09 22.73 26.29
CA CYS C 38 -6.21 22.41 27.69
C CYS C 38 -6.48 23.75 28.35
N PRO C 39 -7.65 24.34 28.06
CA PRO C 39 -7.94 25.62 28.69
C PRO C 39 -7.74 25.48 30.20
N SER C 40 -7.01 26.43 30.78
CA SER C 40 -6.74 26.37 32.21
C SER C 40 -6.58 27.72 32.83
N SER C 41 -6.53 27.70 34.14
CA SER C 41 -6.37 28.92 34.89
C SER C 41 -5.70 28.54 36.21
N GLY C 42 -5.30 29.56 36.96
CA GLY C 42 -4.64 29.34 38.23
C GLY C 42 -3.76 30.53 38.50
N THR C 43 -3.51 30.81 39.79
CA THR C 43 -2.67 31.93 40.14
C THR C 43 -1.60 31.50 41.15
N PRO C 44 -0.35 31.94 40.93
CA PRO C 44 0.02 32.78 39.79
C PRO C 44 -0.21 32.01 38.50
N ASN C 45 -0.39 32.74 37.41
CA ASN C 45 -0.66 32.13 36.11
C ASN C 45 0.27 30.99 35.79
N PRO C 46 -0.31 29.81 35.53
CA PRO C 46 0.44 28.60 35.21
C PRO C 46 1.08 28.45 33.82
N THR C 47 2.01 27.51 33.76
CA THR C 47 2.78 27.20 32.58
C THR C 47 2.20 26.06 31.74
N LEU C 48 2.52 26.09 30.44
CA LEU C 48 2.02 25.10 29.50
C LEU C 48 3.17 24.42 28.76
N ARG C 49 3.25 23.10 28.89
CA ARG C 49 4.25 22.32 28.23
C ARG C 49 3.52 21.13 27.60
N TRP C 50 4.16 20.53 26.60
CA TRP C 50 3.57 19.40 25.93
C TRP C 50 4.52 18.23 25.74
N LEU C 51 3.98 17.03 25.88
CA LEU C 51 4.73 15.80 25.73
C LEU C 51 4.17 14.91 24.61
N LYS C 52 5.02 14.06 24.06
CA LYS C 52 4.60 13.12 23.03
C LYS C 52 5.06 11.77 23.55
N ASN C 53 4.10 10.91 23.84
CA ASN C 53 4.39 9.59 24.37
C ASN C 53 5.36 9.64 25.56
N GLY C 54 5.09 10.51 26.52
CA GLY C 54 5.94 10.59 27.68
C GLY C 54 7.18 11.47 27.63
N LYS C 55 7.86 11.49 26.49
CA LYS C 55 9.06 12.30 26.36
C LYS C 55 8.72 13.73 26.02
N GLU C 56 9.70 14.62 26.13
CA GLU C 56 9.50 16.02 25.81
C GLU C 56 9.31 16.12 24.30
N PHE C 57 8.52 17.10 23.86
CA PHE C 57 8.22 17.28 22.45
C PHE C 57 8.75 18.62 21.91
N LYS C 58 9.93 18.59 21.29
CA LYS C 58 10.49 19.81 20.74
C LYS C 58 10.00 19.93 19.29
N PRO C 59 9.79 21.17 18.80
CA PRO C 59 9.32 21.41 17.43
C PRO C 59 10.12 20.79 16.28
N ASP C 60 11.35 20.42 16.55
CA ASP C 60 12.21 19.82 15.54
C ASP C 60 11.95 18.31 15.50
N HIS C 61 11.12 17.86 16.43
CA HIS C 61 10.76 16.45 16.54
C HIS C 61 9.90 15.97 15.38
N ARG C 62 9.45 16.90 14.55
CA ARG C 62 8.61 16.56 13.44
C ARG C 62 8.73 17.60 12.34
N ILE C 63 8.48 17.18 11.10
CA ILE C 63 8.54 18.11 9.99
C ILE C 63 7.34 19.05 10.13
N GLY C 64 7.57 20.34 9.92
CA GLY C 64 6.48 21.29 10.05
C GLY C 64 6.59 21.96 11.39
N GLY C 65 7.04 21.20 12.39
CA GLY C 65 7.19 21.75 13.73
C GLY C 65 5.84 21.86 14.40
N TYR C 66 5.61 22.94 15.14
CA TYR C 66 4.33 23.12 15.79
C TYR C 66 4.28 24.39 16.63
N LYS C 67 3.13 25.06 16.64
CA LYS C 67 2.98 26.27 17.42
C LYS C 67 2.16 25.98 18.70
N VAL C 68 2.35 26.83 19.70
CA VAL C 68 1.64 26.74 20.96
C VAL C 68 1.05 28.10 21.27
N ARG C 69 -0.26 28.26 21.15
CA ARG C 69 -0.88 29.54 21.47
C ARG C 69 -1.12 29.53 22.98
N TYR C 70 -0.22 30.15 23.72
CA TYR C 70 -0.35 30.19 25.17
C TYR C 70 -1.64 30.87 25.64
N ALA C 71 -2.20 31.72 24.80
CA ALA C 71 -3.43 32.40 25.18
C ALA C 71 -4.63 31.44 25.14
N THR C 72 -4.58 30.49 24.22
CA THR C 72 -5.66 29.54 24.05
C THR C 72 -5.32 28.16 24.53
N TRP C 73 -4.30 28.05 25.39
CA TRP C 73 -3.89 26.76 25.95
C TRP C 73 -3.89 25.63 24.92
N SER C 74 -3.39 25.92 23.74
CA SER C 74 -3.39 24.90 22.70
C SER C 74 -2.08 24.79 21.90
N ILE C 75 -1.94 23.66 21.24
CA ILE C 75 -0.77 23.39 20.41
C ILE C 75 -1.32 23.14 19.01
N ILE C 76 -0.63 23.68 18.01
CA ILE C 76 -1.12 23.53 16.67
C ILE C 76 -0.12 22.87 15.74
N MET C 77 -0.51 21.71 15.21
CA MET C 77 0.33 20.95 14.27
C MET C 77 -0.27 20.86 12.86
N ASP C 78 0.33 21.59 11.92
CA ASP C 78 -0.13 21.55 10.55
C ASP C 78 0.27 20.24 9.87
N SER C 79 -0.46 19.90 8.82
CA SER C 79 -0.16 18.72 8.04
C SER C 79 0.33 17.54 8.86
N VAL C 80 -0.59 16.86 9.49
CA VAL C 80 -0.26 15.71 10.28
C VAL C 80 -0.10 14.53 9.33
N VAL C 81 0.76 13.60 9.70
CA VAL C 81 0.97 12.41 8.90
C VAL C 81 1.19 11.30 9.91
N PRO C 82 1.04 10.03 9.48
CA PRO C 82 1.21 8.85 10.34
C PRO C 82 2.30 8.91 11.41
N SER C 83 3.49 9.37 11.07
CA SER C 83 4.57 9.45 12.04
C SER C 83 4.15 10.31 13.24
N ASP C 84 3.15 11.18 13.03
CA ASP C 84 2.69 12.03 14.11
C ASP C 84 1.79 11.32 15.10
N LYS C 85 1.22 10.18 14.72
CA LYS C 85 0.34 9.44 15.63
C LYS C 85 0.99 9.23 17.01
N GLY C 86 0.17 9.30 18.06
CA GLY C 86 0.69 9.10 19.42
C GLY C 86 -0.06 9.87 20.48
N ASN C 87 0.39 9.70 21.73
CA ASN C 87 -0.23 10.40 22.86
C ASN C 87 0.39 11.77 23.06
N TYR C 88 -0.46 12.79 23.20
CA TYR C 88 0.02 14.12 23.43
C TYR C 88 -0.50 14.60 24.76
N THR C 89 0.43 15.02 25.62
CA THR C 89 0.06 15.45 26.94
C THR C 89 0.40 16.88 27.21
N CYS C 90 -0.58 17.62 27.72
CA CYS C 90 -0.30 18.99 28.08
C CYS C 90 -0.05 18.93 29.59
N ILE C 91 0.80 19.81 30.05
CA ILE C 91 1.09 19.88 31.47
C ILE C 91 1.04 21.31 31.89
N VAL C 92 0.09 21.61 32.76
CA VAL C 92 -0.13 22.94 33.29
C VAL C 92 0.28 22.92 34.76
N GLU C 93 1.06 23.91 35.17
CA GLU C 93 1.52 23.96 36.56
C GLU C 93 2.07 25.31 37.00
N ASN C 94 2.01 25.55 38.32
CA ASN C 94 2.55 26.75 38.94
C ASN C 94 3.11 26.33 40.29
N GLU C 95 3.53 27.30 41.09
CA GLU C 95 4.12 27.04 42.39
C GLU C 95 3.20 26.26 43.32
N TYR C 96 1.93 26.12 42.94
CA TYR C 96 0.98 25.43 43.80
C TYR C 96 0.33 24.17 43.28
N GLY C 97 0.75 23.71 42.12
CA GLY C 97 0.15 22.51 41.60
C GLY C 97 0.42 22.28 40.13
N SER C 98 0.09 21.07 39.68
CA SER C 98 0.27 20.70 38.30
C SER C 98 -0.80 19.73 37.88
N ILE C 99 -1.48 20.04 36.78
CA ILE C 99 -2.51 19.14 36.30
C ILE C 99 -2.06 18.73 34.91
N ASN C 100 -2.68 17.70 34.35
CA ASN C 100 -2.28 17.23 33.04
C ASN C 100 -3.44 16.53 32.36
N HIS C 101 -3.27 16.28 31.06
CA HIS C 101 -4.31 15.63 30.29
C HIS C 101 -3.62 15.03 29.10
N THR C 102 -4.09 13.88 28.61
CA THR C 102 -3.45 13.29 27.45
C THR C 102 -4.45 13.00 26.36
N TYR C 103 -4.08 13.33 25.13
CA TYR C 103 -4.93 13.10 23.96
C TYR C 103 -4.28 12.05 23.06
N GLN C 104 -5.10 11.19 22.46
CA GLN C 104 -4.59 10.19 21.53
C GLN C 104 -4.74 10.81 20.13
N LEU C 105 -3.77 10.63 19.25
CA LEU C 105 -3.94 11.17 17.91
C LEU C 105 -3.75 10.07 16.88
N ASP C 106 -4.77 9.88 16.06
CA ASP C 106 -4.66 8.87 15.03
C ASP C 106 -4.85 9.56 13.68
N VAL C 107 -4.06 9.13 12.70
CA VAL C 107 -4.11 9.71 11.36
C VAL C 107 -4.36 8.64 10.31
N VAL C 108 -5.19 8.96 9.33
CA VAL C 108 -5.50 8.01 8.28
C VAL C 108 -5.31 8.64 6.93
N GLU C 109 -4.46 8.05 6.11
CA GLU C 109 -4.22 8.56 4.76
C GLU C 109 -5.38 8.11 3.89
N ARG C 110 -6.09 9.07 3.33
CA ARG C 110 -7.23 8.78 2.46
C ARG C 110 -6.76 8.69 1.01
N SER C 111 -7.40 7.81 0.23
CA SER C 111 -7.05 7.61 -1.17
C SER C 111 -8.25 7.80 -2.11
N PRO C 112 -8.53 9.04 -2.51
CA PRO C 112 -9.65 9.37 -3.40
C PRO C 112 -9.36 9.17 -4.89
N HIS C 113 -9.26 7.91 -5.30
CA HIS C 113 -9.01 7.52 -6.68
C HIS C 113 -9.95 6.37 -6.95
N ARG C 114 -10.13 6.00 -8.21
CA ARG C 114 -11.00 4.87 -8.52
C ARG C 114 -10.25 3.64 -8.01
N PRO C 115 -10.92 2.50 -7.93
CA PRO C 115 -10.22 1.32 -7.43
C PRO C 115 -8.98 0.97 -8.28
N ILE C 116 -8.06 0.24 -7.67
CA ILE C 116 -6.82 -0.20 -8.32
C ILE C 116 -6.79 -1.71 -8.34
N LEU C 117 -6.58 -2.29 -9.52
CA LEU C 117 -6.51 -3.74 -9.63
C LEU C 117 -5.06 -4.18 -9.74
N GLN C 118 -4.73 -5.32 -9.13
CA GLN C 118 -3.36 -5.82 -9.20
C GLN C 118 -3.04 -6.25 -10.62
N ALA C 119 -2.03 -5.64 -11.22
CA ALA C 119 -1.63 -5.97 -12.59
C ALA C 119 -1.35 -7.46 -12.77
N GLY C 120 -1.77 -8.00 -13.91
CA GLY C 120 -1.57 -9.42 -14.15
C GLY C 120 -2.77 -10.26 -13.76
N LEU C 121 -3.61 -9.73 -12.89
CA LEU C 121 -4.80 -10.44 -12.43
C LEU C 121 -6.08 -9.82 -12.99
N PRO C 122 -6.99 -10.66 -13.53
CA PRO C 122 -6.80 -12.11 -13.60
C PRO C 122 -5.82 -12.47 -14.72
N ALA C 123 -5.27 -13.67 -14.65
CA ALA C 123 -4.31 -14.10 -15.66
C ALA C 123 -4.92 -15.16 -16.60
N ASN C 124 -4.44 -15.21 -17.84
CA ASN C 124 -4.94 -16.20 -18.80
C ASN C 124 -4.74 -17.59 -18.25
N LYS C 125 -5.59 -18.49 -18.72
CA LYS C 125 -5.51 -19.86 -18.30
C LYS C 125 -5.99 -20.75 -19.42
N THR C 126 -5.35 -21.91 -19.52
CA THR C 126 -5.70 -22.92 -20.51
C THR C 126 -5.96 -24.17 -19.67
N VAL C 127 -7.06 -24.84 -19.93
CA VAL C 127 -7.42 -26.03 -19.16
C VAL C 127 -8.07 -27.07 -20.04
N ALA C 128 -8.23 -28.28 -19.50
CA ALA C 128 -8.84 -29.38 -20.23
C ALA C 128 -10.32 -29.40 -19.97
N LEU C 129 -11.07 -29.91 -20.94
CA LEU C 129 -12.52 -30.00 -20.80
C LEU C 129 -12.80 -30.71 -19.48
N GLY C 130 -13.70 -30.14 -18.69
CA GLY C 130 -14.05 -30.74 -17.41
C GLY C 130 -13.34 -30.15 -16.21
N SER C 131 -12.19 -29.52 -16.45
CA SER C 131 -11.41 -28.91 -15.39
C SER C 131 -12.18 -27.75 -14.76
N ASN C 132 -12.03 -27.58 -13.45
CA ASN C 132 -12.67 -26.45 -12.80
C ASN C 132 -11.63 -25.35 -12.87
N VAL C 133 -12.08 -24.11 -12.77
CA VAL C 133 -11.12 -23.02 -12.88
C VAL C 133 -11.46 -21.88 -11.97
N GLU C 134 -10.44 -21.11 -11.64
CA GLU C 134 -10.59 -19.97 -10.77
C GLU C 134 -9.73 -18.81 -11.27
N PHE C 135 -10.33 -17.64 -11.33
CA PHE C 135 -9.62 -16.46 -11.73
C PHE C 135 -9.53 -15.62 -10.46
N MET C 136 -8.43 -14.88 -10.30
CA MET C 136 -8.24 -14.05 -9.12
C MET C 136 -8.29 -12.61 -9.52
N CYS C 137 -8.56 -11.77 -8.55
CA CYS C 137 -8.60 -10.35 -8.79
C CYS C 137 -8.29 -9.71 -7.45
N LYS C 138 -7.31 -8.80 -7.45
CA LYS C 138 -6.90 -8.10 -6.24
C LYS C 138 -7.26 -6.64 -6.43
N VAL C 139 -8.10 -6.11 -5.54
CA VAL C 139 -8.55 -4.73 -5.62
C VAL C 139 -8.15 -3.94 -4.38
N TYR C 140 -7.84 -2.65 -4.56
CA TYR C 140 -7.54 -1.78 -3.43
C TYR C 140 -8.41 -0.56 -3.64
N SER C 141 -9.08 -0.11 -2.58
CA SER C 141 -9.96 1.03 -2.73
C SER C 141 -10.28 1.60 -1.35
N ASP C 142 -10.05 2.90 -1.14
CA ASP C 142 -10.39 3.49 0.15
C ASP C 142 -11.91 3.40 0.29
N PRO C 143 -12.69 4.02 -0.64
CA PRO C 143 -14.15 3.87 -0.46
C PRO C 143 -14.55 2.46 -0.87
N GLN C 144 -15.66 1.97 -0.33
CA GLN C 144 -16.13 0.61 -0.66
C GLN C 144 -16.24 0.33 -2.14
N PRO C 145 -15.51 -0.66 -2.63
CA PRO C 145 -15.53 -1.03 -4.04
C PRO C 145 -16.65 -2.03 -4.32
N HIS C 146 -17.17 -1.98 -5.54
CA HIS C 146 -18.22 -2.90 -5.94
C HIS C 146 -17.57 -3.76 -7.01
N ILE C 147 -17.48 -5.06 -6.77
CA ILE C 147 -16.83 -5.97 -7.70
C ILE C 147 -17.77 -6.88 -8.50
N GLN C 148 -17.56 -6.94 -9.81
CA GLN C 148 -18.36 -7.75 -10.71
C GLN C 148 -17.48 -8.50 -11.67
N TRP C 149 -17.86 -9.72 -12.01
CA TRP C 149 -17.10 -10.49 -12.98
C TRP C 149 -17.95 -10.51 -14.26
N LEU C 150 -17.32 -10.29 -15.40
CA LEU C 150 -18.06 -10.25 -16.65
C LEU C 150 -17.55 -11.22 -17.72
N LYS C 151 -18.48 -11.93 -18.35
CA LYS C 151 -18.10 -12.82 -19.45
C LYS C 151 -18.37 -12.02 -20.73
N HIS C 152 -17.48 -12.13 -21.69
CA HIS C 152 -17.69 -11.43 -22.94
C HIS C 152 -18.50 -12.34 -23.87
N ILE C 153 -19.42 -11.74 -24.63
CA ILE C 153 -20.23 -12.53 -25.54
C ILE C 153 -20.18 -11.98 -26.95
N ASN C 164 -19.35 1.28 -29.18
CA ASN C 164 -18.09 0.68 -29.62
C ASN C 164 -17.50 -0.17 -28.50
N LEU C 165 -18.37 -0.68 -27.65
CA LEU C 165 -17.98 -1.52 -26.53
C LEU C 165 -18.53 -2.92 -26.76
N PRO C 166 -17.94 -3.92 -26.12
CA PRO C 166 -18.38 -5.31 -26.26
C PRO C 166 -19.56 -5.71 -25.37
N TYR C 167 -20.29 -6.74 -25.76
CA TYR C 167 -21.42 -7.19 -24.96
C TYR C 167 -20.88 -8.10 -23.87
N VAL C 168 -21.38 -7.93 -22.66
CA VAL C 168 -20.92 -8.75 -21.56
C VAL C 168 -22.09 -9.39 -20.87
N GLN C 169 -21.78 -10.31 -19.97
CA GLN C 169 -22.79 -11.02 -19.21
C GLN C 169 -22.34 -11.03 -17.76
N ILE C 170 -23.00 -10.25 -16.92
CA ILE C 170 -22.65 -10.22 -15.52
C ILE C 170 -22.73 -11.66 -15.01
N LEU C 171 -21.79 -12.04 -14.15
CA LEU C 171 -21.77 -13.39 -13.61
C LEU C 171 -22.01 -13.36 -12.11
N GLU C 184 -12.93 -12.03 -4.57
CA GLU C 184 -11.66 -11.95 -5.27
C GLU C 184 -11.52 -13.02 -6.36
N VAL C 185 -12.33 -14.07 -6.29
CA VAL C 185 -12.21 -15.11 -7.29
C VAL C 185 -13.50 -15.48 -8.02
N LEU C 186 -13.34 -15.76 -9.31
CA LEU C 186 -14.43 -16.17 -10.17
C LEU C 186 -14.23 -17.67 -10.31
N HIS C 187 -15.24 -18.45 -9.94
CA HIS C 187 -15.11 -19.91 -10.03
C HIS C 187 -15.98 -20.59 -11.11
N LEU C 188 -15.34 -21.25 -12.07
CA LEU C 188 -16.04 -21.95 -13.14
C LEU C 188 -15.98 -23.45 -12.84
N ARG C 189 -17.16 -24.06 -12.67
CA ARG C 189 -17.23 -25.49 -12.36
C ARG C 189 -16.68 -26.38 -13.48
N ASN C 190 -17.45 -27.40 -13.87
CA ASN C 190 -17.04 -28.35 -14.89
C ASN C 190 -17.02 -27.73 -16.28
N VAL C 191 -16.01 -26.89 -16.51
CA VAL C 191 -15.85 -26.18 -17.77
C VAL C 191 -15.89 -27.02 -19.05
N SER C 192 -16.37 -26.39 -20.11
CA SER C 192 -16.51 -26.98 -21.44
C SER C 192 -15.94 -25.99 -22.47
N PHE C 193 -16.05 -26.32 -23.75
CA PHE C 193 -15.55 -25.44 -24.80
C PHE C 193 -16.28 -24.11 -24.75
N GLU C 194 -17.60 -24.15 -24.56
CA GLU C 194 -18.39 -22.94 -24.50
C GLU C 194 -17.88 -21.99 -23.42
N ASP C 195 -17.26 -22.55 -22.39
CA ASP C 195 -16.71 -21.75 -21.30
C ASP C 195 -15.49 -20.94 -21.77
N ALA C 196 -14.87 -21.36 -22.87
CA ALA C 196 -13.70 -20.65 -23.35
C ALA C 196 -14.09 -19.23 -23.70
N GLY C 197 -13.11 -18.32 -23.63
CA GLY C 197 -13.36 -16.94 -23.97
C GLY C 197 -12.75 -15.94 -23.01
N GLU C 198 -13.12 -14.68 -23.17
CA GLU C 198 -12.60 -13.61 -22.35
C GLU C 198 -13.46 -13.28 -21.13
N TYR C 199 -12.79 -13.11 -20.00
CA TYR C 199 -13.45 -12.76 -18.73
C TYR C 199 -12.88 -11.47 -18.17
N THR C 200 -13.72 -10.71 -17.47
CA THR C 200 -13.33 -9.45 -16.89
C THR C 200 -13.73 -9.25 -15.43
N CYS C 201 -12.80 -8.68 -14.66
CA CYS C 201 -13.03 -8.40 -13.26
C CYS C 201 -13.18 -6.90 -13.19
N LEU C 202 -14.39 -6.43 -12.89
CA LEU C 202 -14.66 -5.01 -12.80
C LEU C 202 -14.91 -4.58 -11.35
N ALA C 203 -14.27 -3.47 -10.97
CA ALA C 203 -14.43 -2.90 -9.65
C ALA C 203 -14.63 -1.40 -9.84
N GLY C 204 -15.57 -0.84 -9.09
CA GLY C 204 -15.84 0.57 -9.20
C GLY C 204 -16.28 1.21 -7.91
N ASN C 205 -15.94 2.49 -7.75
CA ASN C 205 -16.36 3.21 -6.56
C ASN C 205 -16.91 4.56 -7.00
N SER C 206 -17.30 5.38 -6.03
CA SER C 206 -17.88 6.67 -6.35
C SER C 206 -17.02 7.57 -7.21
N ILE C 207 -15.71 7.35 -7.24
CA ILE C 207 -14.86 8.21 -8.07
C ILE C 207 -14.83 7.70 -9.52
N GLY C 208 -14.58 6.42 -9.70
CA GLY C 208 -14.53 5.86 -11.04
C GLY C 208 -14.52 4.34 -10.96
N LEU C 209 -14.29 3.69 -12.09
CA LEU C 209 -14.25 2.25 -12.09
C LEU C 209 -13.07 1.74 -12.90
N SER C 210 -12.65 0.50 -12.63
CA SER C 210 -11.51 -0.08 -13.34
C SER C 210 -11.71 -1.56 -13.59
N HIS C 211 -10.99 -2.10 -14.56
CA HIS C 211 -11.08 -3.53 -14.83
C HIS C 211 -9.90 -4.11 -15.60
N HIS C 212 -9.74 -5.42 -15.46
CA HIS C 212 -8.69 -6.18 -16.13
C HIS C 212 -9.39 -7.41 -16.69
N SER C 213 -8.92 -7.90 -17.84
CA SER C 213 -9.52 -9.08 -18.43
C SER C 213 -8.50 -10.17 -18.57
N ALA C 214 -8.95 -11.37 -18.92
CA ALA C 214 -8.08 -12.51 -19.11
C ALA C 214 -8.80 -13.47 -20.06
N TRP C 215 -8.05 -14.34 -20.72
CA TRP C 215 -8.66 -15.30 -21.66
C TRP C 215 -8.49 -16.74 -21.17
N LEU C 216 -9.58 -17.49 -21.26
CA LEU C 216 -9.57 -18.86 -20.82
C LEU C 216 -9.54 -19.77 -22.04
N THR C 217 -8.51 -20.58 -22.14
CA THR C 217 -8.44 -21.49 -23.28
C THR C 217 -8.80 -22.89 -22.81
N VAL C 218 -9.56 -23.61 -23.64
CA VAL C 218 -9.95 -24.95 -23.24
C VAL C 218 -9.57 -26.02 -24.23
N LEU C 219 -9.04 -27.11 -23.71
CA LEU C 219 -8.58 -28.21 -24.56
C LEU C 219 -9.19 -29.58 -24.26
N ASN D 7 11.30 -56.65 -9.68
CA ASN D 7 11.52 -57.10 -11.07
C ASN D 7 12.92 -56.74 -11.59
N ARG D 8 13.33 -55.50 -11.40
CA ARG D 8 14.66 -55.09 -11.85
C ARG D 8 15.60 -54.71 -10.70
N MET D 9 16.89 -54.61 -11.00
CA MET D 9 17.92 -54.28 -10.02
C MET D 9 17.60 -53.03 -9.24
N PRO D 10 17.47 -53.16 -7.92
CA PRO D 10 17.15 -52.00 -7.08
C PRO D 10 18.09 -50.81 -7.30
N VAL D 11 17.55 -49.61 -7.21
CA VAL D 11 18.32 -48.38 -7.37
C VAL D 11 17.68 -47.24 -6.61
N ALA D 12 18.36 -46.75 -5.58
CA ALA D 12 17.81 -45.64 -4.81
C ALA D 12 17.58 -44.43 -5.73
N PRO D 13 16.57 -43.61 -5.43
CA PRO D 13 16.30 -42.43 -6.26
C PRO D 13 17.43 -41.42 -6.30
N TYR D 14 17.70 -40.89 -7.48
CA TYR D 14 18.77 -39.92 -7.65
C TYR D 14 18.41 -38.84 -8.67
N TRP D 15 19.08 -37.70 -8.55
CA TRP D 15 18.85 -36.57 -9.44
C TRP D 15 19.31 -36.84 -10.87
N THR D 16 18.50 -36.39 -11.83
CA THR D 16 18.80 -36.59 -13.24
C THR D 16 19.23 -35.29 -13.89
N SER D 17 19.20 -34.21 -13.14
CA SER D 17 19.60 -32.92 -13.68
C SER D 17 19.96 -31.99 -12.54
N PRO D 18 20.76 -32.49 -11.59
CA PRO D 18 21.20 -31.74 -10.41
C PRO D 18 21.49 -30.28 -10.72
N GLU D 19 22.10 -30.05 -11.88
CA GLU D 19 22.45 -28.72 -12.33
C GLU D 19 21.26 -27.78 -12.17
N LYS D 20 20.23 -28.01 -12.99
CA LYS D 20 19.02 -27.20 -12.98
C LYS D 20 18.57 -26.84 -11.56
N MET D 21 18.79 -27.75 -10.61
CA MET D 21 18.37 -27.53 -9.24
C MET D 21 19.21 -26.53 -8.44
N GLU D 22 20.35 -26.12 -8.99
CA GLU D 22 21.23 -25.16 -8.30
C GLU D 22 20.51 -23.86 -7.95
N LYS D 23 19.66 -23.40 -8.87
CA LYS D 23 18.87 -22.19 -8.69
C LYS D 23 17.82 -22.49 -7.61
N LYS D 24 18.14 -22.17 -6.35
CA LYS D 24 17.24 -22.46 -5.24
C LYS D 24 16.08 -21.49 -5.08
N LEU D 25 16.38 -20.19 -5.17
CA LEU D 25 15.33 -19.20 -5.01
C LEU D 25 14.66 -18.77 -6.32
N HIS D 26 13.34 -18.87 -6.34
CA HIS D 26 12.56 -18.45 -7.49
C HIS D 26 11.77 -17.19 -7.11
N ALA D 27 12.24 -16.06 -7.58
CA ALA D 27 11.54 -14.83 -7.29
C ALA D 27 10.73 -14.53 -8.56
N VAL D 28 9.43 -14.34 -8.41
CA VAL D 28 8.58 -14.09 -9.56
C VAL D 28 7.61 -12.93 -9.34
N PRO D 29 7.30 -12.21 -10.43
CA PRO D 29 6.36 -11.11 -10.23
C PRO D 29 4.95 -11.74 -10.14
N ALA D 30 4.13 -11.19 -9.26
CA ALA D 30 2.78 -11.69 -9.07
C ALA D 30 2.06 -11.98 -10.38
N ALA D 31 1.31 -13.08 -10.39
CA ALA D 31 0.50 -13.49 -11.56
C ALA D 31 1.18 -14.46 -12.51
N LYS D 32 2.49 -14.59 -12.41
CA LYS D 32 3.15 -15.51 -13.30
C LYS D 32 2.92 -16.96 -12.86
N THR D 33 3.01 -17.89 -13.81
CA THR D 33 2.87 -19.31 -13.51
C THR D 33 4.25 -19.76 -13.05
N VAL D 34 4.30 -20.46 -11.93
CA VAL D 34 5.57 -20.94 -11.42
C VAL D 34 5.63 -22.45 -11.54
N LYS D 35 6.75 -22.96 -12.04
CA LYS D 35 6.92 -24.42 -12.14
C LYS D 35 8.21 -24.87 -11.41
N PHE D 36 8.15 -25.99 -10.66
CA PHE D 36 9.33 -26.53 -9.96
C PHE D 36 9.61 -27.95 -10.40
N LYS D 37 10.88 -28.25 -10.63
CA LYS D 37 11.24 -29.58 -11.10
C LYS D 37 12.30 -30.26 -10.25
N CYS D 38 12.20 -31.57 -10.19
CA CYS D 38 13.11 -32.40 -9.45
C CYS D 38 13.28 -33.62 -10.33
N PRO D 39 13.88 -33.43 -11.52
CA PRO D 39 14.07 -34.60 -12.39
C PRO D 39 14.75 -35.71 -11.59
N SER D 40 14.20 -36.91 -11.66
CA SER D 40 14.77 -38.00 -10.88
C SER D 40 14.59 -39.33 -11.55
N SER D 41 15.24 -40.32 -10.98
CA SER D 41 15.16 -41.66 -11.50
C SER D 41 15.45 -42.60 -10.34
N GLY D 42 15.24 -43.89 -10.59
CA GLY D 42 15.47 -44.88 -9.57
C GLY D 42 14.56 -46.06 -9.83
N THR D 43 14.96 -47.24 -9.40
CA THR D 43 14.14 -48.41 -9.60
C THR D 43 13.98 -49.22 -8.31
N PRO D 44 12.76 -49.67 -8.03
CA PRO D 44 11.57 -49.43 -8.87
C PRO D 44 11.30 -47.94 -8.97
N ASN D 45 10.62 -47.51 -10.03
CA ASN D 45 10.35 -46.11 -10.24
C ASN D 45 9.79 -45.43 -9.01
N PRO D 46 10.45 -44.35 -8.58
CA PRO D 46 10.10 -43.53 -7.42
C PRO D 46 8.86 -42.62 -7.48
N THR D 47 8.39 -42.27 -6.29
CA THR D 47 7.23 -41.43 -6.05
C THR D 47 7.58 -39.96 -5.92
N LEU D 48 6.62 -39.10 -6.27
CA LEU D 48 6.82 -37.65 -6.18
C LEU D 48 5.73 -37.02 -5.31
N ARG D 49 6.16 -36.35 -4.26
CA ARG D 49 5.25 -35.67 -3.36
C ARG D 49 5.82 -34.26 -3.15
N TRP D 50 4.95 -33.35 -2.74
CA TRP D 50 5.37 -31.99 -2.54
C TRP D 50 4.89 -31.38 -1.23
N LEU D 51 5.76 -30.61 -0.59
CA LEU D 51 5.43 -29.95 0.67
C LEU D 51 5.56 -28.43 0.59
N LYS D 52 4.85 -27.73 1.46
CA LYS D 52 4.94 -26.29 1.50
C LYS D 52 5.25 -25.99 2.96
N ASN D 53 6.43 -25.41 3.18
CA ASN D 53 6.86 -25.09 4.53
C ASN D 53 6.73 -26.27 5.50
N GLY D 54 7.19 -27.44 5.07
CA GLY D 54 7.14 -28.60 5.95
C GLY D 54 5.88 -29.43 5.97
N LYS D 55 4.72 -28.80 5.89
CA LYS D 55 3.48 -29.55 5.91
C LYS D 55 3.11 -30.05 4.51
N GLU D 56 2.14 -30.96 4.45
CA GLU D 56 1.67 -31.50 3.18
C GLU D 56 0.99 -30.37 2.41
N PHE D 57 1.08 -30.41 1.08
CA PHE D 57 0.50 -29.37 0.23
C PHE D 57 -0.60 -29.94 -0.67
N LYS D 58 -1.86 -29.80 -0.26
CA LYS D 58 -2.97 -30.28 -1.07
C LYS D 58 -3.40 -29.13 -1.99
N PRO D 59 -3.88 -29.45 -3.20
CA PRO D 59 -4.32 -28.45 -4.18
C PRO D 59 -5.37 -27.43 -3.72
N ASP D 60 -6.09 -27.77 -2.66
CA ASP D 60 -7.13 -26.89 -2.13
C ASP D 60 -6.49 -25.87 -1.19
N HIS D 61 -5.20 -26.06 -0.95
CA HIS D 61 -4.42 -25.18 -0.08
C HIS D 61 -4.22 -23.80 -0.66
N ARG D 62 -4.58 -23.62 -1.92
CA ARG D 62 -4.40 -22.34 -2.58
C ARG D 62 -5.43 -22.18 -3.69
N ILE D 63 -5.77 -20.93 -4.01
CA ILE D 63 -6.71 -20.69 -5.10
C ILE D 63 -5.96 -21.02 -6.38
N GLY D 64 -6.65 -21.70 -7.31
CA GLY D 64 -6.02 -22.07 -8.55
C GLY D 64 -5.58 -23.52 -8.46
N GLY D 65 -5.18 -23.94 -7.25
CA GLY D 65 -4.74 -25.30 -7.04
C GLY D 65 -3.36 -25.50 -7.61
N TYR D 66 -3.10 -26.64 -8.23
CA TYR D 66 -1.78 -26.89 -8.81
C TYR D 66 -1.68 -28.26 -9.46
N LYS D 67 -0.97 -28.35 -10.57
CA LYS D 67 -0.81 -29.62 -11.24
C LYS D 67 0.61 -30.17 -10.99
N VAL D 68 0.75 -31.48 -11.13
CA VAL D 68 2.03 -32.16 -10.95
C VAL D 68 2.24 -33.07 -12.15
N ARG D 69 3.14 -32.70 -13.04
CA ARG D 69 3.42 -33.55 -14.19
C ARG D 69 4.43 -34.61 -13.75
N TYR D 70 3.93 -35.78 -13.38
CA TYR D 70 4.79 -36.86 -12.93
C TYR D 70 5.86 -37.26 -13.97
N ALA D 71 5.60 -36.99 -15.24
CA ALA D 71 6.57 -37.35 -16.24
C ALA D 71 7.77 -36.41 -16.22
N THR D 72 7.53 -35.15 -15.86
CA THR D 72 8.59 -34.15 -15.82
C THR D 72 9.00 -33.76 -14.41
N TRP D 73 8.69 -34.62 -13.44
CA TRP D 73 9.03 -34.38 -12.04
C TRP D 73 8.85 -32.92 -11.62
N SER D 74 7.72 -32.35 -12.02
CA SER D 74 7.46 -30.96 -11.70
C SER D 74 6.05 -30.67 -11.19
N ILE D 75 5.90 -29.51 -10.55
CA ILE D 75 4.62 -29.05 -10.04
C ILE D 75 4.38 -27.72 -10.71
N ILE D 76 3.15 -27.50 -11.14
CA ILE D 76 2.85 -26.24 -11.80
C ILE D 76 1.77 -25.45 -11.11
N MET D 77 2.12 -24.22 -10.71
CA MET D 77 1.18 -23.32 -10.04
C MET D 77 0.93 -22.07 -10.87
N ASP D 78 -0.27 -21.96 -11.42
CA ASP D 78 -0.64 -20.79 -12.20
C ASP D 78 -0.92 -19.60 -11.27
N SER D 79 -0.81 -18.40 -11.82
CA SER D 79 -1.09 -17.18 -11.09
C SER D 79 -0.68 -17.23 -9.63
N VAL D 80 0.60 -17.01 -9.40
CA VAL D 80 1.11 -17.00 -8.03
C VAL D 80 0.81 -15.62 -7.46
N VAL D 81 0.61 -15.58 -6.16
CA VAL D 81 0.35 -14.34 -5.46
C VAL D 81 1.08 -14.47 -4.14
N PRO D 82 1.35 -13.33 -3.47
CA PRO D 82 2.06 -13.32 -2.18
C PRO D 82 1.75 -14.45 -1.21
N SER D 83 0.48 -14.80 -1.03
CA SER D 83 0.12 -15.89 -0.11
C SER D 83 0.83 -17.17 -0.53
N ASP D 84 1.25 -17.24 -1.78
CA ASP D 84 1.95 -18.42 -2.28
C ASP D 84 3.40 -18.51 -1.83
N LYS D 85 4.00 -17.38 -1.45
CA LYS D 85 5.40 -17.36 -1.01
C LYS D 85 5.69 -18.45 0.03
N GLY D 86 6.87 -19.06 -0.04
CA GLY D 86 7.25 -20.09 0.91
C GLY D 86 8.19 -21.15 0.35
N ASN D 87 8.55 -22.11 1.18
CA ASN D 87 9.45 -23.18 0.74
C ASN D 87 8.64 -24.33 0.17
N TYR D 88 9.08 -24.83 -0.98
CA TYR D 88 8.41 -25.95 -1.61
C TYR D 88 9.40 -27.06 -1.71
N THR D 89 9.01 -28.21 -1.17
CA THR D 89 9.90 -29.35 -1.17
C THR D 89 9.34 -30.53 -1.91
N CYS D 90 10.15 -31.08 -2.80
CA CYS D 90 9.72 -32.25 -3.51
C CYS D 90 10.35 -33.40 -2.76
N ILE D 91 9.68 -34.53 -2.74
CA ILE D 91 10.23 -35.69 -2.08
C ILE D 91 10.03 -36.89 -2.99
N VAL D 92 11.17 -37.43 -3.42
CA VAL D 92 11.22 -38.58 -4.29
C VAL D 92 11.68 -39.79 -3.49
N GLU D 93 10.96 -40.91 -3.62
CA GLU D 93 11.32 -42.09 -2.84
C GLU D 93 10.73 -43.40 -3.35
N ASN D 94 11.44 -44.49 -3.05
CA ASN D 94 10.99 -45.84 -3.39
C ASN D 94 11.40 -46.76 -2.24
N GLU D 95 11.19 -48.05 -2.41
CA GLU D 95 11.51 -49.01 -1.35
C GLU D 95 12.99 -48.99 -0.97
N TYR D 96 13.81 -48.25 -1.68
CA TYR D 96 15.22 -48.26 -1.36
C TYR D 96 15.86 -46.93 -1.04
N GLY D 97 15.05 -45.89 -0.89
CA GLY D 97 15.59 -44.58 -0.58
C GLY D 97 14.67 -43.42 -0.85
N SER D 98 15.04 -42.27 -0.32
CA SER D 98 14.26 -41.06 -0.49
C SER D 98 15.19 -39.87 -0.53
N ILE D 99 15.05 -39.06 -1.55
CA ILE D 99 15.86 -37.87 -1.65
C ILE D 99 14.88 -36.70 -1.63
N ASN D 100 15.38 -35.49 -1.43
CA ASN D 100 14.49 -34.34 -1.38
C ASN D 100 15.22 -33.09 -1.78
N HIS D 101 14.48 -32.02 -2.00
CA HIS D 101 15.09 -30.75 -2.39
C HIS D 101 14.08 -29.70 -2.03
N THR D 102 14.55 -28.51 -1.68
CA THR D 102 13.62 -27.45 -1.31
C THR D 102 13.88 -26.18 -2.10
N TYR D 103 12.81 -25.56 -2.59
CA TYR D 103 12.91 -24.32 -3.35
C TYR D 103 12.23 -23.21 -2.58
N GLN D 104 12.80 -22.01 -2.64
CA GLN D 104 12.19 -20.86 -1.98
C GLN D 104 11.40 -20.15 -3.07
N LEU D 105 10.20 -19.66 -2.73
CA LEU D 105 9.44 -18.93 -3.74
C LEU D 105 9.09 -17.55 -3.24
N ASP D 106 9.49 -16.54 -4.00
CA ASP D 106 9.16 -15.20 -3.61
C ASP D 106 8.38 -14.57 -4.74
N VAL D 107 7.37 -13.78 -4.38
CA VAL D 107 6.51 -13.13 -5.36
C VAL D 107 6.47 -11.62 -5.12
N VAL D 108 6.51 -10.84 -6.20
CA VAL D 108 6.46 -9.40 -6.06
C VAL D 108 5.38 -8.83 -6.97
N GLU D 109 4.46 -8.09 -6.37
CA GLU D 109 3.38 -7.46 -7.10
C GLU D 109 3.97 -6.24 -7.77
N ARG D 110 3.92 -6.19 -9.09
CA ARG D 110 4.47 -5.05 -9.82
C ARG D 110 3.39 -4.01 -10.06
N SER D 111 3.75 -2.74 -9.92
CA SER D 111 2.79 -1.65 -10.09
C SER D 111 3.16 -0.70 -11.22
N PRO D 112 2.80 -1.06 -12.48
CA PRO D 112 3.07 -0.26 -13.67
C PRO D 112 2.10 0.90 -13.89
N HIS D 113 2.16 1.90 -13.01
CA HIS D 113 1.31 3.10 -13.12
C HIS D 113 2.24 4.28 -12.86
N ARG D 114 1.79 5.49 -13.15
CA ARG D 114 2.63 6.64 -12.87
C ARG D 114 2.68 6.77 -11.35
N PRO D 115 3.56 7.61 -10.83
CA PRO D 115 3.64 7.76 -9.37
C PRO D 115 2.30 8.19 -8.75
N ILE D 116 2.10 7.85 -7.48
CA ILE D 116 0.89 8.23 -6.73
C ILE D 116 1.28 9.14 -5.57
N LEU D 117 0.67 10.31 -5.48
CA LEU D 117 0.98 11.21 -4.37
C LEU D 117 -0.10 11.09 -3.31
N GLN D 118 0.29 11.24 -2.05
CA GLN D 118 -0.67 11.15 -0.95
C GLN D 118 -1.57 12.36 -1.00
N ALA D 119 -2.87 12.14 -1.09
CA ALA D 119 -3.85 13.22 -1.15
C ALA D 119 -3.73 14.17 0.04
N GLY D 120 -3.87 15.47 -0.21
CA GLY D 120 -3.76 16.43 0.88
C GLY D 120 -2.36 17.01 0.99
N LEU D 121 -1.38 16.30 0.47
CA LEU D 121 -0.01 16.76 0.51
C LEU D 121 0.54 17.18 -0.85
N PRO D 122 1.19 18.36 -0.92
CA PRO D 122 1.42 19.26 0.23
C PRO D 122 0.12 19.98 0.62
N ALA D 123 0.07 20.47 1.85
CA ALA D 123 -1.11 21.17 2.34
C ALA D 123 -0.85 22.69 2.44
N ASN D 124 -1.88 23.49 2.27
CA ASN D 124 -1.73 24.93 2.37
C ASN D 124 -1.17 25.31 3.72
N LYS D 125 -0.50 26.45 3.77
CA LYS D 125 0.07 26.93 4.99
C LYS D 125 0.03 28.44 4.99
N THR D 126 -0.16 28.98 6.20
CA THR D 126 -0.18 30.42 6.43
C THR D 126 0.88 30.61 7.50
N VAL D 127 1.81 31.55 7.30
CA VAL D 127 2.85 31.79 8.30
C VAL D 127 3.15 33.27 8.38
N ALA D 128 3.93 33.64 9.40
CA ALA D 128 4.32 35.02 9.62
C ALA D 128 5.62 35.31 8.92
N LEU D 129 5.81 36.56 8.55
CA LEU D 129 7.05 36.99 7.91
C LEU D 129 8.19 36.50 8.77
N GLY D 130 9.17 35.83 8.15
CA GLY D 130 10.31 35.35 8.90
C GLY D 130 10.25 33.89 9.31
N SER D 131 9.04 33.34 9.34
CA SER D 131 8.85 31.94 9.72
C SER D 131 9.47 31.02 8.67
N ASN D 132 10.01 29.89 9.13
CA ASN D 132 10.56 28.91 8.22
C ASN D 132 9.39 28.02 7.87
N VAL D 133 9.45 27.34 6.74
CA VAL D 133 8.33 26.51 6.36
C VAL D 133 8.77 25.25 5.67
N GLU D 134 7.94 24.23 5.81
CA GLU D 134 8.20 22.93 5.21
C GLU D 134 6.92 22.37 4.58
N PHE D 135 7.04 21.91 3.36
CA PHE D 135 5.95 21.31 2.65
C PHE D 135 6.31 19.83 2.57
N MET D 136 5.32 18.95 2.68
CA MET D 136 5.57 17.51 2.61
C MET D 136 4.98 16.95 1.35
N CYS D 137 5.49 15.80 0.94
CA CYS D 137 5.00 15.15 -0.25
C CYS D 137 5.29 13.67 -0.05
N LYS D 138 4.26 12.84 -0.20
CA LYS D 138 4.43 11.40 -0.04
C LYS D 138 4.18 10.78 -1.41
N VAL D 139 5.17 10.06 -1.92
CA VAL D 139 5.10 9.44 -3.25
C VAL D 139 5.20 7.94 -3.14
N TYR D 140 4.52 7.22 -4.02
CA TYR D 140 4.63 5.76 -4.08
C TYR D 140 4.84 5.46 -5.55
N SER D 141 5.80 4.59 -5.84
CA SER D 141 6.10 4.29 -7.22
C SER D 141 6.96 3.04 -7.32
N ASP D 142 6.52 2.04 -8.09
CA ASP D 142 7.31 0.82 -8.25
C ASP D 142 8.61 1.24 -8.95
N PRO D 143 8.52 1.80 -10.16
CA PRO D 143 9.79 2.21 -10.80
C PRO D 143 10.31 3.48 -10.11
N GLN D 144 11.62 3.72 -10.16
CA GLN D 144 12.20 4.90 -9.51
C GLN D 144 11.56 6.21 -9.91
N PRO D 145 10.99 6.92 -8.93
CA PRO D 145 10.34 8.21 -9.20
C PRO D 145 11.35 9.36 -9.17
N HIS D 146 11.09 10.39 -9.94
CA HIS D 146 11.95 11.55 -9.92
C HIS D 146 11.11 12.67 -9.35
N ILE D 147 11.51 13.23 -8.21
CA ILE D 147 10.72 14.28 -7.60
C ILE D 147 11.31 15.68 -7.72
N GLN D 148 10.45 16.64 -8.03
CA GLN D 148 10.84 18.04 -8.17
C GLN D 148 9.81 18.95 -7.51
N TRP D 149 10.28 20.04 -6.93
CA TRP D 149 9.36 20.99 -6.32
C TRP D 149 9.32 22.18 -7.24
N LEU D 150 8.12 22.70 -7.52
CA LEU D 150 8.02 23.85 -8.41
C LEU D 150 7.30 25.03 -7.81
N LYS D 151 7.86 26.22 -8.01
CA LYS D 151 7.22 27.44 -7.55
C LYS D 151 6.50 28.01 -8.78
N HIS D 152 5.30 28.54 -8.58
CA HIS D 152 4.58 29.12 -9.69
C HIS D 152 5.00 30.57 -9.80
N ILE D 153 5.10 31.08 -11.02
CA ILE D 153 5.49 32.47 -11.22
C ILE D 153 4.48 33.17 -12.11
N PRO D 166 0.94 27.31 -17.20
CA PRO D 166 1.48 28.00 -16.02
C PRO D 166 3.00 27.94 -15.95
N TYR D 167 3.65 29.10 -15.82
CA TYR D 167 5.10 29.13 -15.73
C TYR D 167 5.54 28.63 -14.36
N VAL D 168 6.72 28.04 -14.30
CA VAL D 168 7.21 27.53 -13.04
C VAL D 168 8.70 27.74 -12.92
N GLN D 169 9.19 27.58 -11.71
CA GLN D 169 10.60 27.73 -11.41
C GLN D 169 11.00 26.51 -10.59
N ILE D 170 11.76 25.59 -11.19
CA ILE D 170 12.19 24.40 -10.49
C ILE D 170 12.91 24.91 -9.25
N LEU D 171 12.67 24.28 -8.11
CA LEU D 171 13.32 24.71 -6.88
C LEU D 171 14.31 23.68 -6.43
N LYS D 172 13.81 22.46 -6.27
CA LYS D 172 14.65 21.37 -5.82
C LYS D 172 14.49 20.23 -6.81
N THR D 173 15.57 19.49 -7.05
CA THR D 173 15.53 18.36 -7.98
C THR D 173 16.25 17.18 -7.32
N ALA D 174 15.60 16.01 -7.39
CA ALA D 174 16.15 14.77 -6.83
C ALA D 174 17.40 14.33 -7.59
N GLU D 184 11.19 14.35 0.29
CA GLU D 184 9.78 14.43 0.64
C GLU D 184 9.38 15.83 1.10
N VAL D 185 10.35 16.65 1.48
CA VAL D 185 10.00 17.97 1.95
C VAL D 185 10.71 19.12 1.26
N LEU D 186 9.96 20.21 1.07
CA LEU D 186 10.48 21.43 0.47
C LEU D 186 10.65 22.37 1.65
N HIS D 187 11.85 22.87 1.84
CA HIS D 187 12.10 23.76 2.97
C HIS D 187 12.41 25.23 2.61
N LEU D 188 11.56 26.13 3.08
CA LEU D 188 11.73 27.55 2.83
C LEU D 188 12.28 28.20 4.09
N ARG D 189 13.46 28.80 3.97
CA ARG D 189 14.10 29.45 5.11
C ARG D 189 13.31 30.64 5.67
N ASN D 190 13.99 31.77 5.87
CA ASN D 190 13.36 32.95 6.43
C ASN D 190 12.41 33.64 5.46
N VAL D 191 11.26 33.01 5.31
CA VAL D 191 10.19 33.45 4.43
C VAL D 191 9.77 34.92 4.51
N SER D 192 9.40 35.48 3.36
CA SER D 192 8.92 36.86 3.26
C SER D 192 7.65 36.88 2.40
N PHE D 193 7.11 38.06 2.13
CA PHE D 193 5.92 38.16 1.30
C PHE D 193 6.14 37.54 -0.07
N GLU D 194 7.29 37.84 -0.67
CA GLU D 194 7.62 37.31 -1.99
C GLU D 194 7.51 35.79 -2.01
N ASP D 195 7.75 35.17 -0.87
CA ASP D 195 7.67 33.70 -0.75
C ASP D 195 6.23 33.20 -0.90
N ALA D 196 5.27 34.09 -0.67
CA ALA D 196 3.87 33.71 -0.78
C ALA D 196 3.57 33.20 -2.17
N GLY D 197 2.58 32.31 -2.28
CA GLY D 197 2.21 31.80 -3.58
C GLY D 197 1.97 30.32 -3.64
N GLU D 198 1.81 29.79 -4.84
CA GLU D 198 1.55 28.38 -5.05
C GLU D 198 2.80 27.55 -5.32
N TYR D 199 2.85 26.38 -4.68
CA TYR D 199 3.97 25.47 -4.83
C TYR D 199 3.47 24.11 -5.27
N THR D 200 4.28 23.40 -6.04
CA THR D 200 3.94 22.07 -6.53
C THR D 200 5.02 21.00 -6.33
N CYS D 201 4.57 19.81 -5.96
CA CYS D 201 5.46 18.69 -5.79
C CYS D 201 5.16 17.77 -6.97
N LEU D 202 6.12 17.65 -7.88
CA LEU D 202 5.99 16.82 -9.05
C LEU D 202 6.83 15.55 -8.95
N ALA D 203 6.22 14.43 -9.31
CA ALA D 203 6.87 13.14 -9.29
C ALA D 203 6.53 12.45 -10.61
N GLY D 204 7.54 11.86 -11.24
CA GLY D 204 7.28 11.19 -12.50
C GLY D 204 8.15 9.98 -12.74
N ASN D 205 7.60 9.00 -13.45
CA ASN D 205 8.37 7.82 -13.78
C ASN D 205 8.18 7.51 -15.27
N SER D 206 8.77 6.41 -15.71
CA SER D 206 8.71 6.02 -17.11
C SER D 206 7.30 5.90 -17.65
N ILE D 207 6.30 5.64 -16.80
CA ILE D 207 4.92 5.52 -17.28
C ILE D 207 4.27 6.90 -17.45
N GLY D 208 4.33 7.71 -16.40
CA GLY D 208 3.74 9.02 -16.45
C GLY D 208 4.22 9.86 -15.29
N LEU D 209 3.58 11.02 -15.09
CA LEU D 209 3.98 11.88 -14.01
C LEU D 209 2.75 12.39 -13.29
N SER D 210 2.92 12.80 -12.03
CA SER D 210 1.81 13.29 -11.21
C SER D 210 2.24 14.45 -10.34
N HIS D 211 1.29 15.26 -9.89
CA HIS D 211 1.63 16.37 -9.00
C HIS D 211 0.45 16.92 -8.20
N HIS D 212 0.78 17.55 -7.08
CA HIS D 212 -0.19 18.17 -6.19
C HIS D 212 0.40 19.53 -5.85
N SER D 213 -0.46 20.51 -5.64
CA SER D 213 0.02 21.85 -5.32
C SER D 213 -0.56 22.29 -3.99
N ALA D 214 -0.06 23.41 -3.48
CA ALA D 214 -0.52 23.97 -2.22
C ALA D 214 -0.20 25.46 -2.24
N TRP D 215 -0.91 26.24 -1.43
CA TRP D 215 -0.68 27.68 -1.38
C TRP D 215 -0.10 28.11 -0.02
N LEU D 216 0.92 28.96 -0.09
CA LEU D 216 1.55 29.46 1.10
C LEU D 216 1.11 30.89 1.33
N THR D 217 0.46 31.14 2.46
CA THR D 217 0.01 32.49 2.80
C THR D 217 0.97 33.08 3.80
N VAL D 218 1.29 34.35 3.62
CA VAL D 218 2.24 34.99 4.49
C VAL D 218 1.68 36.25 5.17
N LEU D 219 1.88 36.33 6.49
CA LEU D 219 1.36 37.44 7.30
C LEU D 219 2.41 38.27 8.03
S SO4 E . -31.16 18.45 17.15
O1 SO4 E . -31.25 19.54 16.15
O2 SO4 E . -30.47 17.28 16.57
O3 SO4 E . -30.45 18.96 18.33
O4 SO4 E . -32.52 18.04 17.57
S SO4 F . -24.49 18.52 18.50
O1 SO4 F . -25.21 19.16 17.38
O2 SO4 F . -23.56 17.51 17.99
O3 SO4 F . -23.75 19.56 19.23
O4 SO4 F . -25.43 17.88 19.43
S SO4 G . 23.73 -17.57 -20.56
O1 SO4 G . 22.64 -18.55 -20.68
O2 SO4 G . 23.65 -16.61 -21.68
O3 SO4 G . 23.64 -16.88 -19.27
O4 SO4 G . 25.03 -18.28 -20.61
S SO4 H . 28.15 -14.74 -24.25
O1 SO4 H . 29.54 -14.41 -23.90
O2 SO4 H . 27.94 -14.60 -25.71
O3 SO4 H . 27.86 -16.13 -23.84
O4 SO4 H . 27.26 -13.80 -23.55
#